data_1SZL
#
_entry.id   1SZL
#
_cell.length_a   1.000
_cell.length_b   1.000
_cell.length_c   1.000
_cell.angle_alpha   90.00
_cell.angle_beta   90.00
_cell.angle_gamma   90.00
#
_symmetry.space_group_name_H-M   'P 1'
#
_entity_poly.entity_id   1
_entity_poly.type   'polypeptide(L)'
_entity_poly.pdbx_seq_one_letter_code
;GSETCIYSNWSPWSACSSSTCEKGKRMRQRMLKAQLDLSVPCPDTQDFQPCMGPGCSDEDG
;
_entity_poly.pdbx_strand_id   A
#
# COMPACT_ATOMS: atom_id res chain seq x y z
N GLY A 1 -1.67 -4.06 -15.01
CA GLY A 1 -0.75 -3.71 -13.94
C GLY A 1 -0.77 -2.20 -13.74
N SER A 2 0.40 -1.57 -13.60
CA SER A 2 0.53 -0.14 -13.40
C SER A 2 0.63 0.68 -14.69
N GLU A 3 0.57 0.01 -15.83
CA GLU A 3 0.67 0.60 -17.15
C GLU A 3 -0.67 1.09 -17.72
N THR A 4 -1.78 0.38 -17.46
CA THR A 4 -3.11 0.72 -17.97
C THR A 4 -3.89 1.59 -16.98
N CYS A 5 -3.32 1.81 -15.82
CA CYS A 5 -3.94 2.55 -14.74
C CYS A 5 -3.07 3.69 -14.26
N ILE A 6 -3.67 4.87 -14.11
CA ILE A 6 -3.02 6.09 -13.66
C ILE A 6 -3.75 6.48 -12.40
N TYR A 7 -3.18 6.16 -11.26
CA TYR A 7 -3.76 6.47 -9.96
C TYR A 7 -3.08 7.67 -9.32
N SER A 8 -3.69 8.15 -8.24
CA SER A 8 -3.18 9.23 -7.42
C SER A 8 -2.02 8.68 -6.59
N ASN A 9 -1.28 9.56 -5.90
CA ASN A 9 -0.19 9.11 -5.04
C ASN A 9 -0.79 8.20 -3.97
N TRP A 10 -0.11 7.11 -3.63
CA TRP A 10 -0.58 6.14 -2.64
C TRP A 10 -1.04 6.79 -1.34
N SER A 11 -2.12 6.25 -0.78
CA SER A 11 -2.65 6.72 0.48
C SER A 11 -1.65 6.34 1.59
N PRO A 12 -1.76 6.95 2.78
CA PRO A 12 -0.87 6.58 3.86
C PRO A 12 -1.25 5.15 4.28
N TRP A 13 -0.31 4.45 4.86
CA TRP A 13 -0.50 3.10 5.33
C TRP A 13 -1.38 3.15 6.59
N SER A 14 -2.12 2.08 6.82
CA SER A 14 -2.96 1.95 7.98
C SER A 14 -2.03 1.49 9.12
N ALA A 15 -2.62 1.17 10.26
CA ALA A 15 -1.86 0.69 11.39
C ALA A 15 -1.26 -0.65 10.98
N CYS A 16 0.00 -0.88 11.32
CA CYS A 16 0.67 -2.12 10.99
C CYS A 16 -0.01 -3.25 11.73
N SER A 17 -0.26 -4.33 11.01
CA SER A 17 -0.89 -5.55 11.51
C SER A 17 -0.12 -6.02 12.75
N SER A 18 1.21 -5.87 12.77
CA SER A 18 2.01 -6.23 13.93
C SER A 18 2.45 -4.90 14.55
N SER A 19 1.86 -4.55 15.69
CA SER A 19 2.16 -3.35 16.45
C SER A 19 3.43 -3.56 17.30
N THR A 20 4.12 -4.70 17.11
CA THR A 20 5.33 -5.11 17.78
C THR A 20 6.44 -5.29 16.76
N CYS A 21 7.68 -5.49 17.21
CA CYS A 21 8.84 -5.67 16.34
C CYS A 21 8.70 -6.94 15.46
N GLU A 22 7.74 -7.81 15.74
CA GLU A 22 7.52 -9.02 14.94
C GLU A 22 7.10 -8.57 13.54
N LYS A 23 7.60 -9.23 12.50
CA LYS A 23 7.24 -8.87 11.14
C LYS A 23 5.73 -8.99 10.96
N GLY A 24 5.17 -8.01 10.26
CA GLY A 24 3.76 -7.89 9.97
C GLY A 24 3.57 -7.26 8.61
N LYS A 25 2.38 -6.73 8.34
CA LYS A 25 2.02 -6.08 7.08
C LYS A 25 1.16 -4.85 7.33
N ARG A 26 1.06 -3.96 6.35
CA ARG A 26 0.22 -2.76 6.35
C ARG A 26 -0.78 -2.86 5.21
N MET A 27 -1.74 -1.92 5.14
CA MET A 27 -2.76 -1.87 4.10
C MET A 27 -2.92 -0.42 3.63
N ARG A 28 -3.12 -0.21 2.32
CA ARG A 28 -3.34 1.11 1.73
C ARG A 28 -4.41 0.99 0.63
N GLN A 29 -4.93 2.10 0.14
CA GLN A 29 -5.96 2.15 -0.89
C GLN A 29 -5.95 3.52 -1.58
N ARG A 30 -5.39 3.65 -2.78
CA ARG A 30 -5.34 4.91 -3.52
C ARG A 30 -6.61 5.03 -4.37
N MET A 31 -6.78 6.18 -5.01
CA MET A 31 -7.90 6.47 -5.88
C MET A 31 -7.39 6.47 -7.33
N LEU A 32 -8.15 5.89 -8.23
CA LEU A 32 -7.84 5.80 -9.66
C LEU A 32 -8.20 7.12 -10.30
N LYS A 33 -7.21 7.80 -10.88
CA LYS A 33 -7.43 9.08 -11.55
C LYS A 33 -8.01 8.76 -12.92
N ALA A 34 -7.25 8.04 -13.76
CA ALA A 34 -7.65 7.67 -15.11
C ALA A 34 -7.20 6.24 -15.44
N GLN A 35 -7.83 5.65 -16.44
CA GLN A 35 -7.54 4.30 -16.92
C GLN A 35 -7.42 4.38 -18.43
N LEU A 36 -6.39 3.75 -18.99
CA LEU A 36 -6.13 3.72 -20.42
C LEU A 36 -7.14 2.84 -21.15
N ASP A 37 -7.86 2.00 -20.42
CA ASP A 37 -8.88 1.08 -20.92
C ASP A 37 -10.12 1.23 -20.04
N LEU A 38 -11.15 1.90 -20.57
CA LEU A 38 -12.40 2.14 -19.87
C LEU A 38 -13.21 0.85 -19.70
N SER A 39 -12.90 -0.22 -20.44
CA SER A 39 -13.61 -1.50 -20.38
C SER A 39 -12.97 -2.45 -19.36
N VAL A 40 -11.86 -2.06 -18.74
CA VAL A 40 -11.19 -2.91 -17.78
C VAL A 40 -10.82 -2.04 -16.57
N PRO A 41 -11.46 -2.26 -15.42
CA PRO A 41 -11.16 -1.49 -14.23
C PRO A 41 -9.74 -1.79 -13.77
N CYS A 42 -9.31 -0.99 -12.82
CA CYS A 42 -8.01 -1.06 -12.21
C CYS A 42 -8.16 -1.57 -10.77
N PRO A 43 -8.13 -2.90 -10.54
CA PRO A 43 -8.27 -3.51 -9.22
C PRO A 43 -7.10 -3.24 -8.26
N ASP A 44 -6.01 -2.64 -8.74
CA ASP A 44 -4.82 -2.31 -7.93
C ASP A 44 -5.05 -1.06 -7.06
N THR A 45 -6.29 -0.82 -6.63
CA THR A 45 -6.62 0.30 -5.77
C THR A 45 -5.93 0.13 -4.44
N GLN A 46 -5.75 -1.11 -3.97
CA GLN A 46 -5.11 -1.44 -2.72
C GLN A 46 -3.76 -2.12 -2.93
N ASP A 47 -2.98 -2.17 -1.87
CA ASP A 47 -1.65 -2.80 -1.82
C ASP A 47 -1.35 -3.13 -0.36
N PHE A 48 -0.39 -4.03 -0.15
CA PHE A 48 0.05 -4.52 1.14
C PHE A 48 1.56 -4.80 1.10
N GLN A 49 2.32 -4.20 2.01
CA GLN A 49 3.76 -4.42 2.12
C GLN A 49 4.04 -4.77 3.58
N PRO A 50 5.16 -5.43 3.88
CA PRO A 50 5.50 -5.80 5.24
C PRO A 50 5.75 -4.55 6.09
N CYS A 51 5.74 -4.74 7.41
CA CYS A 51 5.98 -3.72 8.41
C CYS A 51 6.58 -4.37 9.67
N MET A 52 7.01 -3.51 10.59
CA MET A 52 7.59 -3.78 11.88
C MET A 52 7.03 -2.68 12.79
N GLY A 53 6.67 -3.02 14.01
CA GLY A 53 6.14 -2.06 14.97
C GLY A 53 7.24 -1.11 15.46
N PRO A 54 6.90 -0.13 16.32
CA PRO A 54 7.86 0.81 16.84
C PRO A 54 8.92 0.07 17.67
N GLY A 55 10.11 0.64 17.75
CA GLY A 55 11.22 0.04 18.49
C GLY A 55 11.81 -1.15 17.74
N CYS A 56 11.70 -1.17 16.40
CA CYS A 56 12.19 -2.21 15.53
C CYS A 56 12.91 -1.57 14.35
N SER A 57 13.70 -2.35 13.59
CA SER A 57 14.45 -1.86 12.45
C SER A 57 14.89 -3.00 11.52
N ASP A 58 15.59 -2.65 10.45
CA ASP A 58 16.13 -3.55 9.43
C ASP A 58 17.62 -3.81 9.63
N GLU A 59 18.16 -3.45 10.80
CA GLU A 59 19.57 -3.62 11.18
C GLU A 59 19.98 -5.11 11.26
N ASP A 60 19.02 -6.02 11.10
CA ASP A 60 19.19 -7.47 11.15
C ASP A 60 18.66 -8.17 9.88
N GLY A 61 17.98 -7.45 8.99
CA GLY A 61 17.43 -7.99 7.76
C GLY A 61 16.84 -6.83 6.98
N GLY A 1 2.06 -4.35 -17.92
CA GLY A 1 2.33 -3.54 -16.72
C GLY A 1 1.26 -2.50 -16.48
N SER A 2 1.56 -1.46 -15.69
CA SER A 2 0.63 -0.38 -15.38
C SER A 2 0.59 0.61 -16.55
N GLU A 3 0.27 0.13 -17.74
CA GLU A 3 0.21 0.90 -18.98
C GLU A 3 -1.15 1.57 -19.21
N THR A 4 -2.23 0.80 -19.15
CA THR A 4 -3.60 1.23 -19.38
C THR A 4 -4.27 1.80 -18.14
N CYS A 5 -3.52 1.96 -17.04
CA CYS A 5 -4.04 2.48 -15.80
C CYS A 5 -3.23 3.67 -15.28
N ILE A 6 -3.91 4.60 -14.62
CA ILE A 6 -3.40 5.82 -14.01
C ILE A 6 -4.11 5.92 -12.65
N TYR A 7 -3.36 5.70 -11.58
CA TYR A 7 -3.89 5.78 -10.22
C TYR A 7 -3.28 7.02 -9.57
N SER A 8 -3.78 7.44 -8.41
CA SER A 8 -3.25 8.59 -7.70
C SER A 8 -2.19 8.11 -6.70
N ASN A 9 -1.60 9.07 -5.96
CA ASN A 9 -0.58 8.77 -4.98
C ASN A 9 -1.11 7.81 -3.93
N TRP A 10 -0.27 6.86 -3.52
CA TRP A 10 -0.65 5.90 -2.51
C TRP A 10 -0.96 6.65 -1.22
N SER A 11 -2.15 6.44 -0.69
CA SER A 11 -2.60 7.07 0.55
C SER A 11 -1.63 6.66 1.67
N PRO A 12 -1.65 7.35 2.82
CA PRO A 12 -0.77 7.03 3.92
C PRO A 12 -1.06 5.63 4.45
N TRP A 13 -0.04 5.03 5.08
CA TRP A 13 -0.19 3.71 5.65
C TRP A 13 -1.14 3.84 6.82
N SER A 14 -2.13 2.95 6.90
CA SER A 14 -3.13 2.97 7.97
C SER A 14 -2.42 2.70 9.30
N ALA A 15 -2.12 1.44 9.57
CA ALA A 15 -1.44 0.94 10.76
C ALA A 15 -0.73 -0.35 10.38
N CYS A 16 0.16 -0.83 11.25
CA CYS A 16 0.89 -2.07 11.04
C CYS A 16 0.15 -3.14 11.82
N SER A 17 -0.13 -4.25 11.14
CA SER A 17 -0.82 -5.38 11.73
C SER A 17 -0.04 -5.88 12.97
N SER A 18 1.29 -5.79 12.97
CA SER A 18 2.12 -6.20 14.10
C SER A 18 2.19 -5.10 15.15
N SER A 19 1.79 -5.41 16.38
CA SER A 19 1.83 -4.51 17.53
C SER A 19 3.00 -4.89 18.46
N THR A 20 3.84 -5.86 18.06
CA THR A 20 5.02 -6.34 18.76
C THR A 20 6.17 -6.38 17.75
N CYS A 21 7.42 -6.55 18.20
CA CYS A 21 8.63 -6.59 17.37
C CYS A 21 8.66 -7.75 16.34
N GLU A 22 7.56 -8.45 16.09
CA GLU A 22 7.47 -9.51 15.11
C GLU A 22 7.32 -8.88 13.72
N LYS A 23 7.28 -9.68 12.65
CA LYS A 23 7.08 -9.17 11.30
C LYS A 23 5.58 -9.18 11.04
N GLY A 24 5.14 -8.18 10.28
CA GLY A 24 3.77 -7.94 9.87
C GLY A 24 3.79 -7.09 8.61
N LYS A 25 2.70 -6.40 8.35
CA LYS A 25 2.51 -5.56 7.16
C LYS A 25 1.45 -4.51 7.47
N ARG A 26 1.37 -3.49 6.63
CA ARG A 26 0.43 -2.38 6.71
C ARG A 26 -0.52 -2.50 5.54
N MET A 27 -1.55 -1.64 5.52
CA MET A 27 -2.54 -1.61 4.47
C MET A 27 -2.70 -0.15 4.02
N ARG A 28 -2.87 0.06 2.72
CA ARG A 28 -3.10 1.35 2.11
C ARG A 28 -3.89 1.09 0.85
N GLN A 29 -4.50 2.15 0.34
CA GLN A 29 -5.29 2.10 -0.87
C GLN A 29 -4.99 3.38 -1.65
N ARG A 30 -5.40 3.42 -2.91
CA ARG A 30 -5.24 4.58 -3.78
C ARG A 30 -6.49 4.67 -4.62
N MET A 31 -6.75 5.82 -5.20
CA MET A 31 -7.93 6.01 -6.03
C MET A 31 -7.49 6.03 -7.49
N LEU A 32 -8.38 5.59 -8.37
CA LEU A 32 -8.15 5.57 -9.79
C LEU A 32 -8.30 6.98 -10.33
N LYS A 33 -7.29 7.50 -11.03
CA LYS A 33 -7.31 8.84 -11.61
C LYS A 33 -8.03 8.76 -12.96
N ALA A 34 -7.53 7.94 -13.89
CA ALA A 34 -8.12 7.76 -15.22
C ALA A 34 -7.67 6.42 -15.77
N GLN A 35 -8.47 5.76 -16.59
CA GLN A 35 -8.15 4.47 -17.20
C GLN A 35 -8.13 4.66 -18.71
N LEU A 36 -7.08 4.17 -19.37
CA LEU A 36 -6.95 4.28 -20.83
C LEU A 36 -7.89 3.31 -21.54
N ASP A 37 -8.50 2.39 -20.78
CA ASP A 37 -9.41 1.37 -21.22
C ASP A 37 -10.69 1.46 -20.41
N LEU A 38 -11.70 2.20 -20.87
CA LEU A 38 -12.98 2.33 -20.15
C LEU A 38 -13.72 0.97 -20.10
N SER A 39 -13.27 0.01 -20.91
CA SER A 39 -13.79 -1.33 -21.03
C SER A 39 -13.11 -2.32 -20.08
N VAL A 40 -12.10 -1.90 -19.32
CA VAL A 40 -11.39 -2.79 -18.41
C VAL A 40 -11.02 -2.00 -17.14
N PRO A 41 -11.44 -2.44 -15.95
CA PRO A 41 -11.12 -1.74 -14.71
C PRO A 41 -9.65 -1.89 -14.33
N CYS A 42 -9.26 -1.18 -13.27
CA CYS A 42 -7.90 -1.17 -12.73
C CYS A 42 -7.95 -1.37 -11.20
N PRO A 43 -8.24 -2.60 -10.72
CA PRO A 43 -8.34 -2.97 -9.30
C PRO A 43 -7.05 -2.91 -8.46
N ASP A 44 -5.92 -2.46 -8.99
CA ASP A 44 -4.63 -2.36 -8.24
C ASP A 44 -4.65 -1.20 -7.22
N THR A 45 -5.81 -0.84 -6.71
CA THR A 45 -6.04 0.23 -5.76
C THR A 45 -5.78 -0.20 -4.30
N GLN A 46 -5.04 -1.31 -4.08
CA GLN A 46 -4.72 -1.87 -2.77
C GLN A 46 -3.25 -2.26 -2.68
N ASP A 47 -2.58 -1.98 -1.55
CA ASP A 47 -1.17 -2.36 -1.37
C ASP A 47 -0.92 -2.70 0.09
N PHE A 48 -0.02 -3.67 0.32
CA PHE A 48 0.36 -4.14 1.64
C PHE A 48 1.86 -4.40 1.68
N GLN A 49 2.64 -3.53 2.31
CA GLN A 49 4.09 -3.69 2.45
C GLN A 49 4.36 -4.10 3.90
N PRO A 50 5.50 -4.74 4.16
CA PRO A 50 5.82 -5.22 5.50
C PRO A 50 6.07 -4.11 6.53
N CYS A 51 5.96 -4.48 7.79
CA CYS A 51 6.17 -3.63 8.96
C CYS A 51 6.48 -4.55 10.16
N MET A 52 6.69 -3.95 11.32
CA MET A 52 6.98 -4.56 12.61
C MET A 52 6.32 -3.68 13.68
N GLY A 53 6.40 -4.06 14.95
CA GLY A 53 5.85 -3.30 16.07
C GLY A 53 6.95 -2.52 16.79
N PRO A 54 6.73 -2.13 18.06
CA PRO A 54 7.70 -1.37 18.86
C PRO A 54 8.91 -2.22 19.21
N GLY A 55 10.01 -1.57 19.59
CA GLY A 55 11.26 -2.22 19.93
C GLY A 55 12.03 -2.63 18.67
N CYS A 56 11.44 -2.48 17.48
CA CYS A 56 12.01 -2.80 16.20
C CYS A 56 12.28 -1.49 15.45
N SER A 57 13.19 -1.53 14.48
CA SER A 57 13.61 -0.39 13.66
C SER A 57 14.02 0.81 14.55
N ASP A 58 14.57 0.52 15.72
CA ASP A 58 15.03 1.43 16.76
C ASP A 58 16.36 2.14 16.41
N GLU A 59 16.67 2.28 15.12
CA GLU A 59 17.87 2.95 14.65
C GLU A 59 17.86 4.39 15.16
N ASP A 60 18.96 4.87 15.75
CA ASP A 60 19.04 6.24 16.27
C ASP A 60 19.16 7.31 15.18
N GLY A 61 19.14 6.93 13.91
CA GLY A 61 19.22 7.83 12.77
C GLY A 61 17.83 8.37 12.50
N GLY A 1 4.36 -2.09 -14.50
CA GLY A 1 3.28 -2.49 -13.61
C GLY A 1 2.19 -1.46 -13.70
N SER A 2 0.96 -1.87 -14.04
CA SER A 2 -0.20 -1.01 -14.18
C SER A 2 0.06 0.11 -15.20
N GLU A 3 0.75 -0.18 -16.30
CA GLU A 3 1.03 0.82 -17.34
C GLU A 3 -0.25 1.41 -17.94
N THR A 4 -1.33 0.62 -17.97
CA THR A 4 -2.64 0.94 -18.48
C THR A 4 -3.54 1.60 -17.42
N CYS A 5 -3.04 1.89 -16.22
CA CYS A 5 -3.81 2.50 -15.14
C CYS A 5 -3.10 3.75 -14.64
N ILE A 6 -3.84 4.77 -14.21
CA ILE A 6 -3.30 6.02 -13.72
C ILE A 6 -3.97 6.26 -12.38
N TYR A 7 -3.34 5.84 -11.29
CA TYR A 7 -3.90 6.05 -9.97
C TYR A 7 -3.29 7.31 -9.35
N SER A 8 -3.94 7.82 -8.31
CA SER A 8 -3.52 8.99 -7.55
C SER A 8 -2.44 8.56 -6.57
N ASN A 9 -1.82 9.53 -5.90
CA ASN A 9 -0.78 9.27 -4.92
C ASN A 9 -1.39 8.42 -3.80
N TRP A 10 -0.67 7.36 -3.41
CA TRP A 10 -1.12 6.45 -2.38
C TRP A 10 -1.46 7.14 -1.07
N SER A 11 -2.52 6.68 -0.41
CA SER A 11 -2.89 7.23 0.88
C SER A 11 -1.79 6.75 1.87
N PRO A 12 -1.72 7.34 3.07
CA PRO A 12 -0.73 6.93 4.04
C PRO A 12 -1.00 5.50 4.46
N TRP A 13 0.04 4.80 4.91
CA TRP A 13 -0.09 3.43 5.36
C TRP A 13 -0.94 3.40 6.63
N SER A 14 -1.59 2.28 6.87
CA SER A 14 -2.41 2.04 8.03
C SER A 14 -1.45 1.71 9.17
N ALA A 15 -2.02 1.34 10.30
CA ALA A 15 -1.17 0.92 11.39
C ALA A 15 -0.62 -0.44 10.95
N CYS A 16 0.54 -0.81 11.48
CA CYS A 16 1.19 -2.06 11.15
C CYS A 16 0.31 -3.19 11.66
N SER A 17 0.16 -4.25 10.87
CA SER A 17 -0.64 -5.41 11.24
C SER A 17 -0.03 -6.02 12.51
N SER A 18 1.31 -5.94 12.67
CA SER A 18 1.94 -6.46 13.88
C SER A 18 2.15 -5.26 14.79
N SER A 19 1.48 -5.28 15.93
CA SER A 19 1.57 -4.21 16.90
C SER A 19 2.97 -4.20 17.54
N THR A 20 3.69 -5.33 17.49
CA THR A 20 5.03 -5.54 18.04
C THR A 20 6.08 -5.62 16.95
N CYS A 21 7.36 -5.82 17.33
CA CYS A 21 8.50 -5.94 16.43
C CYS A 21 8.43 -7.17 15.52
N GLU A 22 7.39 -8.00 15.67
CA GLU A 22 7.20 -9.17 14.85
C GLU A 22 6.90 -8.69 13.43
N LYS A 23 7.18 -9.55 12.46
CA LYS A 23 6.88 -9.18 11.10
C LYS A 23 5.37 -9.15 10.97
N GLY A 24 4.89 -8.36 10.03
CA GLY A 24 3.49 -8.14 9.72
C GLY A 24 3.45 -7.29 8.46
N LYS A 25 2.28 -6.83 8.05
CA LYS A 25 2.13 -6.00 6.86
C LYS A 25 1.33 -4.75 7.13
N ARG A 26 1.35 -3.82 6.19
CA ARG A 26 0.60 -2.57 6.27
C ARG A 26 -0.49 -2.66 5.20
N MET A 27 -1.45 -1.75 5.23
CA MET A 27 -2.57 -1.67 4.31
C MET A 27 -2.62 -0.22 3.83
N ARG A 28 -2.92 0.03 2.56
CA ARG A 28 -3.04 1.37 1.99
C ARG A 28 -3.92 1.27 0.76
N GLN A 29 -4.50 2.38 0.35
CA GLN A 29 -5.37 2.46 -0.81
C GLN A 29 -5.14 3.77 -1.55
N ARG A 30 -5.60 3.85 -2.79
CA ARG A 30 -5.48 5.03 -3.65
C ARG A 30 -6.75 5.15 -4.49
N MET A 31 -6.90 6.22 -5.29
CA MET A 31 -8.05 6.43 -6.16
C MET A 31 -7.58 6.40 -7.61
N LEU A 32 -8.34 5.75 -8.49
CA LEU A 32 -8.09 5.61 -9.92
C LEU A 32 -8.48 6.92 -10.59
N LYS A 33 -7.49 7.68 -11.04
CA LYS A 33 -7.67 8.97 -11.72
C LYS A 33 -8.15 8.72 -13.14
N ALA A 34 -7.41 7.91 -13.91
CA ALA A 34 -7.72 7.56 -15.29
C ALA A 34 -7.23 6.14 -15.55
N GLN A 35 -7.64 5.55 -16.67
CA GLN A 35 -7.26 4.22 -17.09
C GLN A 35 -7.24 4.25 -18.61
N LEU A 36 -6.28 3.57 -19.23
CA LEU A 36 -6.14 3.54 -20.68
C LEU A 36 -7.25 2.70 -21.32
N ASP A 37 -7.85 1.76 -20.59
CA ASP A 37 -8.93 0.90 -21.08
C ASP A 37 -10.10 1.05 -20.13
N LEU A 38 -11.12 1.80 -20.55
CA LEU A 38 -12.29 2.05 -19.72
C LEU A 38 -13.12 0.79 -19.44
N SER A 39 -12.95 -0.29 -20.20
CA SER A 39 -13.68 -1.53 -19.99
C SER A 39 -12.95 -2.48 -19.04
N VAL A 40 -11.64 -2.35 -18.93
CA VAL A 40 -10.80 -3.15 -18.07
C VAL A 40 -10.47 -2.28 -16.85
N PRO A 41 -11.15 -2.47 -15.71
CA PRO A 41 -10.90 -1.67 -14.52
C PRO A 41 -9.52 -1.94 -13.95
N CYS A 42 -9.14 -1.11 -13.00
CA CYS A 42 -7.88 -1.15 -12.30
C CYS A 42 -8.17 -1.37 -10.81
N PRO A 43 -8.47 -2.62 -10.40
CA PRO A 43 -8.78 -2.97 -9.02
C PRO A 43 -7.61 -2.83 -8.05
N ASP A 44 -6.39 -2.55 -8.51
CA ASP A 44 -5.17 -2.38 -7.70
C ASP A 44 -5.17 -1.07 -6.91
N THR A 45 -6.35 -0.72 -6.41
CA THR A 45 -6.65 0.44 -5.61
C THR A 45 -6.14 0.28 -4.19
N GLN A 46 -5.60 -0.89 -3.84
CA GLN A 46 -5.07 -1.21 -2.55
C GLN A 46 -3.74 -1.93 -2.69
N ASP A 47 -2.91 -1.83 -1.66
CA ASP A 47 -1.60 -2.46 -1.62
C ASP A 47 -1.21 -2.90 -0.21
N PHE A 48 -0.28 -3.84 -0.07
CA PHE A 48 0.15 -4.34 1.22
C PHE A 48 1.64 -4.63 1.14
N GLN A 49 2.46 -4.04 2.01
CA GLN A 49 3.91 -4.22 2.06
C GLN A 49 4.28 -4.67 3.49
N PRO A 50 5.40 -5.39 3.69
CA PRO A 50 5.83 -5.87 5.00
C PRO A 50 6.21 -4.69 5.91
N CYS A 51 6.10 -4.89 7.22
CA CYS A 51 6.37 -3.93 8.26
C CYS A 51 6.76 -4.66 9.55
N MET A 52 7.10 -3.90 10.57
CA MET A 52 7.48 -4.27 11.93
C MET A 52 6.92 -3.14 12.79
N GLY A 53 6.57 -3.39 14.06
CA GLY A 53 6.04 -2.32 14.91
C GLY A 53 7.00 -1.11 15.06
N PRO A 54 6.53 0.01 15.64
CA PRO A 54 7.34 1.21 15.81
C PRO A 54 8.51 0.95 16.76
N GLY A 55 9.60 1.71 16.61
CA GLY A 55 10.81 1.61 17.41
C GLY A 55 11.70 0.42 17.04
N CYS A 56 11.15 -0.61 16.38
CA CYS A 56 11.83 -1.85 15.99
C CYS A 56 12.77 -1.74 14.79
N SER A 57 12.59 -0.77 13.89
CA SER A 57 13.42 -0.58 12.71
C SER A 57 13.93 0.85 12.69
N ASP A 58 14.88 1.15 13.58
CA ASP A 58 15.49 2.47 13.74
C ASP A 58 14.43 3.57 13.93
N GLU A 59 13.31 3.19 14.56
CA GLU A 59 12.17 4.04 14.88
C GLU A 59 11.36 4.54 13.67
N ASP A 60 11.43 3.85 12.53
CA ASP A 60 10.71 4.18 11.29
C ASP A 60 9.17 4.09 11.31
N GLY A 61 8.54 3.84 12.46
CA GLY A 61 7.10 3.73 12.58
C GLY A 61 6.46 5.06 12.92
N GLY A 1 3.90 -3.79 -16.56
CA GLY A 1 3.54 -2.91 -15.44
C GLY A 1 2.32 -2.09 -15.80
N SER A 2 1.79 -1.30 -14.87
CA SER A 2 0.62 -0.48 -15.13
C SER A 2 0.93 0.59 -16.17
N GLU A 3 0.58 0.34 -17.42
CA GLU A 3 0.79 1.22 -18.57
C GLU A 3 -0.51 1.67 -19.22
N THR A 4 -1.61 1.11 -18.75
CA THR A 4 -2.97 1.41 -19.18
C THR A 4 -3.78 1.95 -18.01
N CYS A 5 -3.15 2.09 -16.84
CA CYS A 5 -3.80 2.57 -15.63
C CYS A 5 -3.01 3.68 -14.96
N ILE A 6 -3.68 4.80 -14.66
CA ILE A 6 -3.17 6.01 -14.02
C ILE A 6 -4.00 6.20 -12.76
N TYR A 7 -3.41 5.86 -11.61
CA TYR A 7 -4.05 5.96 -10.31
C TYR A 7 -3.55 7.21 -9.60
N SER A 8 -4.19 7.53 -8.48
CA SER A 8 -3.84 8.66 -7.65
C SER A 8 -2.70 8.25 -6.71
N ASN A 9 -2.31 9.21 -5.87
CA ASN A 9 -1.27 9.09 -4.86
C ASN A 9 -1.77 8.07 -3.84
N TRP A 10 -0.90 7.17 -3.41
CA TRP A 10 -1.21 6.14 -2.44
C TRP A 10 -1.58 6.74 -1.09
N SER A 11 -2.52 6.14 -0.38
CA SER A 11 -2.92 6.61 0.94
C SER A 11 -1.73 6.45 1.89
N PRO A 12 -1.68 7.18 3.01
CA PRO A 12 -0.58 7.00 3.94
C PRO A 12 -0.77 5.60 4.51
N TRP A 13 0.33 4.85 4.69
CA TRP A 13 0.26 3.52 5.25
C TRP A 13 -0.38 3.65 6.64
N SER A 14 -1.38 2.83 6.93
CA SER A 14 -2.07 2.87 8.21
C SER A 14 -1.20 2.28 9.33
N ALA A 15 -1.82 2.01 10.46
CA ALA A 15 -1.19 1.43 11.64
C ALA A 15 -0.58 0.08 11.27
N CYS A 16 0.71 -0.15 11.57
CA CYS A 16 1.35 -1.42 11.25
C CYS A 16 0.56 -2.51 11.97
N SER A 17 0.12 -3.51 11.22
CA SER A 17 -0.64 -4.62 11.80
C SER A 17 0.11 -5.29 12.95
N SER A 18 1.45 -5.34 12.93
CA SER A 18 2.19 -5.99 13.99
C SER A 18 2.21 -5.15 15.25
N SER A 19 1.65 -5.68 16.33
CA SER A 19 1.60 -5.02 17.61
C SER A 19 2.99 -5.00 18.27
N THR A 20 3.84 -5.96 17.90
CA THR A 20 5.19 -6.19 18.42
C THR A 20 6.22 -6.31 17.31
N CYS A 21 7.48 -6.59 17.66
CA CYS A 21 8.59 -6.72 16.71
C CYS A 21 8.38 -7.80 15.65
N GLU A 22 7.36 -8.65 15.79
CA GLU A 22 7.10 -9.68 14.79
C GLU A 22 6.85 -9.00 13.46
N LYS A 23 7.19 -9.66 12.37
CA LYS A 23 6.98 -9.09 11.04
C LYS A 23 5.52 -9.20 10.68
N GLY A 24 4.89 -8.05 10.57
CA GLY A 24 3.52 -7.84 10.21
C GLY A 24 3.51 -7.15 8.87
N LYS A 25 2.41 -6.48 8.53
CA LYS A 25 2.28 -5.79 7.26
C LYS A 25 1.29 -4.65 7.38
N ARG A 26 1.53 -3.63 6.56
CA ARG A 26 0.74 -2.42 6.48
C ARG A 26 -0.33 -2.57 5.42
N MET A 27 -1.32 -1.68 5.42
CA MET A 27 -2.41 -1.68 4.45
C MET A 27 -2.56 -0.25 3.95
N ARG A 28 -2.80 -0.08 2.64
CA ARG A 28 -3.01 1.23 2.03
C ARG A 28 -3.89 1.02 0.81
N GLN A 29 -4.48 2.10 0.33
CA GLN A 29 -5.33 2.08 -0.84
C GLN A 29 -5.17 3.41 -1.58
N ARG A 30 -5.74 3.50 -2.77
CA ARG A 30 -5.71 4.70 -3.60
C ARG A 30 -6.99 4.75 -4.42
N MET A 31 -7.17 5.81 -5.21
CA MET A 31 -8.32 5.97 -6.08
C MET A 31 -7.78 6.04 -7.49
N LEU A 32 -8.62 5.70 -8.46
CA LEU A 32 -8.29 5.71 -9.86
C LEU A 32 -8.48 7.13 -10.38
N LYS A 33 -7.59 7.59 -11.26
CA LYS A 33 -7.67 8.93 -11.86
C LYS A 33 -8.15 8.77 -13.28
N ALA A 34 -7.42 8.05 -14.14
CA ALA A 34 -7.81 7.83 -15.53
C ALA A 34 -7.30 6.48 -15.98
N GLN A 35 -8.02 5.80 -16.86
CA GLN A 35 -7.65 4.49 -17.39
C GLN A 35 -7.61 4.63 -18.90
N LEU A 36 -6.61 4.04 -19.54
CA LEU A 36 -6.48 4.10 -20.99
C LEU A 36 -7.53 3.23 -21.66
N ASP A 37 -8.08 2.23 -20.96
CA ASP A 37 -9.12 1.34 -21.46
C ASP A 37 -10.26 1.35 -20.44
N LEU A 38 -11.34 2.03 -20.78
CA LEU A 38 -12.52 2.16 -19.94
C LEU A 38 -13.23 0.82 -19.70
N SER A 39 -13.05 -0.14 -20.59
CA SER A 39 -13.66 -1.46 -20.50
C SER A 39 -12.86 -2.43 -19.65
N VAL A 40 -11.67 -2.06 -19.19
CA VAL A 40 -10.80 -2.87 -18.37
C VAL A 40 -10.54 -2.06 -17.10
N PRO A 41 -11.21 -2.36 -15.98
CA PRO A 41 -10.98 -1.60 -14.77
C PRO A 41 -9.59 -1.88 -14.22
N CYS A 42 -9.21 -1.06 -13.25
CA CYS A 42 -7.96 -1.12 -12.56
C CYS A 42 -8.28 -1.39 -11.09
N PRO A 43 -8.44 -2.68 -10.71
CA PRO A 43 -8.76 -3.09 -9.34
C PRO A 43 -7.63 -2.80 -8.35
N ASP A 44 -6.40 -2.60 -8.86
CA ASP A 44 -5.09 -2.33 -8.27
C ASP A 44 -5.08 -1.01 -7.50
N THR A 45 -6.02 -0.89 -6.59
CA THR A 45 -6.25 0.26 -5.75
C THR A 45 -5.91 -0.06 -4.30
N GLN A 46 -5.44 -1.28 -3.97
CA GLN A 46 -5.05 -1.65 -2.61
C GLN A 46 -3.68 -2.31 -2.61
N ASP A 47 -2.86 -2.07 -1.59
CA ASP A 47 -1.51 -2.64 -1.48
C ASP A 47 -1.12 -2.93 -0.03
N PHE A 48 -0.17 -3.84 0.17
CA PHE A 48 0.33 -4.29 1.47
C PHE A 48 1.84 -4.58 1.41
N GLN A 49 2.62 -4.09 2.38
CA GLN A 49 4.08 -4.30 2.48
C GLN A 49 4.39 -4.65 3.94
N PRO A 50 5.52 -5.33 4.23
CA PRO A 50 5.87 -5.72 5.59
C PRO A 50 6.16 -4.55 6.53
N CYS A 51 5.99 -4.80 7.83
CA CYS A 51 6.24 -3.83 8.90
C CYS A 51 6.46 -4.54 10.22
N MET A 52 6.75 -3.80 11.29
CA MET A 52 6.96 -4.32 12.64
C MET A 52 6.43 -3.30 13.64
N GLY A 53 6.23 -3.76 14.88
CA GLY A 53 5.75 -2.96 15.99
C GLY A 53 6.71 -1.85 16.42
N PRO A 54 6.30 -0.97 17.34
CA PRO A 54 7.11 0.13 17.83
C PRO A 54 8.38 -0.37 18.52
N GLY A 55 9.46 0.42 18.49
CA GLY A 55 10.74 0.07 19.09
C GLY A 55 11.57 -0.84 18.17
N CYS A 56 10.93 -1.82 17.56
CA CYS A 56 11.54 -2.79 16.65
C CYS A 56 12.21 -2.10 15.46
N SER A 57 13.14 -2.81 14.83
CA SER A 57 13.90 -2.36 13.67
C SER A 57 14.25 -3.58 12.82
N ASP A 58 14.77 -3.36 11.61
CA ASP A 58 15.17 -4.43 10.70
C ASP A 58 16.62 -4.79 11.06
N GLU A 59 16.84 -5.01 12.35
CA GLU A 59 18.12 -5.36 12.92
C GLU A 59 18.61 -6.72 12.43
N ASP A 60 19.93 -6.91 12.51
CA ASP A 60 20.69 -8.10 12.13
C ASP A 60 20.12 -8.85 10.92
N GLY A 61 19.71 -8.08 9.91
CA GLY A 61 19.14 -8.52 8.66
C GLY A 61 18.76 -7.28 7.89
N GLY A 1 2.46 -3.35 -15.63
CA GLY A 1 2.27 -2.62 -14.38
C GLY A 1 1.12 -1.64 -14.48
N SER A 2 1.42 -0.34 -14.33
CA SER A 2 0.48 0.76 -14.38
C SER A 2 0.67 1.53 -15.69
N GLU A 3 0.75 0.81 -16.81
CA GLU A 3 0.92 1.45 -18.11
C GLU A 3 -0.42 1.84 -18.71
N THR A 4 -1.46 1.04 -18.51
CA THR A 4 -2.81 1.29 -19.02
C THR A 4 -3.70 1.94 -17.95
N CYS A 5 -3.17 2.23 -16.76
CA CYS A 5 -3.92 2.84 -15.67
C CYS A 5 -3.06 3.84 -14.91
N ILE A 6 -3.72 4.89 -14.43
CA ILE A 6 -3.20 6.01 -13.66
C ILE A 6 -4.01 6.03 -12.38
N TYR A 7 -3.35 5.87 -11.24
CA TYR A 7 -3.99 5.88 -9.94
C TYR A 7 -3.48 7.12 -9.19
N SER A 8 -4.17 7.50 -8.12
CA SER A 8 -3.79 8.62 -7.29
C SER A 8 -2.58 8.26 -6.42
N ASN A 9 -2.15 9.24 -5.63
CA ASN A 9 -1.05 9.15 -4.71
C ASN A 9 -1.48 8.15 -3.64
N TRP A 10 -0.60 7.22 -3.28
CA TRP A 10 -0.93 6.23 -2.27
C TRP A 10 -1.21 6.92 -0.94
N SER A 11 -2.37 6.65 -0.34
CA SER A 11 -2.67 7.22 0.96
C SER A 11 -1.64 6.61 1.93
N PRO A 12 -1.27 7.28 3.03
CA PRO A 12 -0.29 6.72 3.94
C PRO A 12 -0.82 5.44 4.59
N TRP A 13 0.12 4.59 4.98
CA TRP A 13 -0.15 3.31 5.62
C TRP A 13 -0.85 3.51 6.94
N SER A 14 -1.69 2.55 7.31
CA SER A 14 -2.38 2.57 8.58
C SER A 14 -1.36 2.10 9.63
N ALA A 15 -1.84 1.69 10.79
CA ALA A 15 -0.99 1.18 11.84
C ALA A 15 -0.57 -0.22 11.43
N CYS A 16 0.73 -0.52 11.39
CA CYS A 16 1.30 -1.82 11.01
C CYS A 16 0.50 -2.91 11.70
N SER A 17 0.05 -3.91 10.93
CA SER A 17 -0.76 -4.99 11.50
C SER A 17 -0.07 -5.68 12.68
N SER A 18 1.27 -5.66 12.76
CA SER A 18 1.97 -6.25 13.89
C SER A 18 2.45 -5.07 14.74
N SER A 19 1.77 -4.80 15.84
CA SER A 19 2.11 -3.72 16.77
C SER A 19 3.33 -4.07 17.63
N THR A 20 4.16 -5.02 17.19
CA THR A 20 5.36 -5.52 17.83
C THR A 20 6.41 -5.79 16.75
N CYS A 21 7.66 -6.02 17.14
CA CYS A 21 8.81 -6.30 16.27
C CYS A 21 8.60 -7.52 15.37
N GLU A 22 7.64 -8.38 15.70
CA GLU A 22 7.33 -9.56 14.92
C GLU A 22 6.88 -9.08 13.54
N LYS A 23 7.28 -9.78 12.49
CA LYS A 23 6.95 -9.39 11.13
C LYS A 23 5.44 -9.35 10.94
N GLY A 24 4.99 -8.29 10.27
CA GLY A 24 3.60 -8.04 9.96
C GLY A 24 3.49 -7.37 8.60
N LYS A 25 2.29 -6.90 8.27
CA LYS A 25 2.01 -6.21 7.02
C LYS A 25 1.10 -5.03 7.25
N ARG A 26 1.36 -3.94 6.55
CA ARG A 26 0.60 -2.70 6.59
C ARG A 26 -0.52 -2.76 5.54
N MET A 27 -1.43 -1.78 5.53
CA MET A 27 -2.53 -1.71 4.57
C MET A 27 -2.70 -0.26 4.11
N ARG A 28 -2.92 -0.03 2.80
CA ARG A 28 -3.14 1.32 2.24
C ARG A 28 -4.03 1.23 1.01
N GLN A 29 -4.58 2.36 0.59
CA GLN A 29 -5.43 2.45 -0.59
C GLN A 29 -5.18 3.76 -1.33
N ARG A 30 -5.62 3.81 -2.58
CA ARG A 30 -5.56 4.92 -3.52
C ARG A 30 -6.86 4.89 -4.33
N MET A 31 -6.97 5.66 -5.39
CA MET A 31 -8.14 5.75 -6.25
C MET A 31 -7.70 5.72 -7.71
N LEU A 32 -8.53 5.22 -8.62
CA LEU A 32 -8.22 5.15 -10.04
C LEU A 32 -8.59 6.49 -10.68
N LYS A 33 -7.58 7.26 -11.13
CA LYS A 33 -7.74 8.56 -11.76
C LYS A 33 -8.09 8.48 -13.25
N ALA A 34 -7.43 7.62 -14.01
CA ALA A 34 -7.69 7.45 -15.44
C ALA A 34 -7.21 6.07 -15.87
N GLN A 35 -7.79 5.55 -16.94
CA GLN A 35 -7.46 4.26 -17.51
C GLN A 35 -7.47 4.46 -19.02
N LEU A 36 -6.44 3.97 -19.70
CA LEU A 36 -6.33 4.10 -21.16
C LEU A 36 -7.42 3.26 -21.83
N ASP A 37 -7.96 2.28 -21.12
CA ASP A 37 -8.99 1.36 -21.58
C ASP A 37 -10.14 1.36 -20.59
N LEU A 38 -11.23 2.04 -20.94
CA LEU A 38 -12.44 2.14 -20.12
C LEU A 38 -13.13 0.78 -19.96
N SER A 39 -12.77 -0.21 -20.76
CA SER A 39 -13.31 -1.56 -20.73
C SER A 39 -12.51 -2.51 -19.85
N VAL A 40 -11.37 -2.06 -19.32
CA VAL A 40 -10.50 -2.84 -18.47
C VAL A 40 -10.26 -2.05 -17.19
N PRO A 41 -10.97 -2.37 -16.10
CA PRO A 41 -10.84 -1.69 -14.83
C PRO A 41 -9.50 -2.03 -14.18
N CYS A 42 -9.16 -1.26 -13.16
CA CYS A 42 -7.93 -1.40 -12.41
C CYS A 42 -8.24 -1.35 -10.90
N PRO A 43 -8.71 -2.47 -10.32
CA PRO A 43 -9.04 -2.58 -8.90
C PRO A 43 -7.80 -2.53 -7.97
N ASP A 44 -6.60 -2.31 -8.50
CA ASP A 44 -5.32 -2.21 -7.79
C ASP A 44 -5.21 -0.92 -6.99
N THR A 45 -6.30 -0.53 -6.36
CA THR A 45 -6.45 0.65 -5.54
C THR A 45 -6.05 0.32 -4.10
N GLN A 46 -5.61 -0.90 -3.78
CA GLN A 46 -5.20 -1.29 -2.44
C GLN A 46 -3.86 -2.02 -2.54
N ASP A 47 -3.03 -1.87 -1.50
CA ASP A 47 -1.70 -2.49 -1.39
C ASP A 47 -1.44 -2.88 0.05
N PHE A 48 -0.58 -3.88 0.25
CA PHE A 48 -0.19 -4.44 1.53
C PHE A 48 1.30 -4.71 1.46
N GLN A 49 2.10 -3.96 2.22
CA GLN A 49 3.56 -4.14 2.24
C GLN A 49 4.00 -4.56 3.63
N PRO A 50 5.15 -5.23 3.76
CA PRO A 50 5.65 -5.69 5.05
C PRO A 50 6.00 -4.54 6.00
N CYS A 51 6.11 -4.89 7.29
CA CYS A 51 6.46 -3.97 8.36
C CYS A 51 7.07 -4.73 9.54
N MET A 52 7.51 -3.95 10.53
CA MET A 52 8.11 -4.35 11.79
C MET A 52 7.57 -3.31 12.77
N GLY A 53 6.84 -3.73 13.81
CA GLY A 53 6.28 -2.79 14.78
C GLY A 53 7.36 -2.15 15.66
N PRO A 54 6.96 -1.38 16.68
CA PRO A 54 7.88 -0.71 17.59
C PRO A 54 8.75 -1.72 18.34
N GLY A 55 9.91 -1.27 18.80
CA GLY A 55 10.89 -2.08 19.52
C GLY A 55 11.60 -3.00 18.52
N CYS A 56 11.89 -2.50 17.32
CA CYS A 56 12.53 -3.24 16.24
C CYS A 56 13.44 -2.34 15.39
N SER A 57 13.98 -2.88 14.30
CA SER A 57 14.88 -2.25 13.33
C SER A 57 16.15 -1.66 13.95
N ASP A 58 16.55 -2.20 15.11
CA ASP A 58 17.71 -1.85 15.94
C ASP A 58 19.05 -1.97 15.22
N GLU A 59 19.05 -2.45 13.98
CA GLU A 59 20.24 -2.60 13.15
C GLU A 59 20.81 -1.22 12.77
N ASP A 60 20.06 -0.16 13.03
CA ASP A 60 20.39 1.23 12.77
C ASP A 60 20.70 1.94 14.10
N GLY A 61 19.80 1.80 15.06
CA GLY A 61 19.89 2.38 16.39
C GLY A 61 18.61 2.03 17.09
N GLY A 1 1.53 -4.27 -17.01
CA GLY A 1 1.78 -3.95 -15.61
C GLY A 1 0.97 -2.77 -15.16
N SER A 2 1.58 -1.59 -15.05
CA SER A 2 0.96 -0.36 -14.62
C SER A 2 1.31 0.73 -15.64
N GLU A 3 0.54 0.74 -16.72
CA GLU A 3 0.63 1.65 -17.84
C GLU A 3 -0.79 1.98 -18.34
N THR A 4 -1.71 1.01 -18.33
CA THR A 4 -3.09 1.18 -18.76
C THR A 4 -3.95 1.75 -17.62
N CYS A 5 -3.39 1.86 -16.42
CA CYS A 5 -4.03 2.35 -15.23
C CYS A 5 -3.07 3.33 -14.58
N ILE A 6 -3.59 4.47 -14.12
CA ILE A 6 -2.83 5.52 -13.45
C ILE A 6 -3.66 5.86 -12.23
N TYR A 7 -3.17 5.42 -11.09
CA TYR A 7 -3.81 5.63 -9.82
C TYR A 7 -3.25 6.92 -9.18
N SER A 8 -3.85 7.35 -8.09
CA SER A 8 -3.41 8.53 -7.36
C SER A 8 -2.28 8.15 -6.41
N ASN A 9 -1.64 9.17 -5.85
CA ASN A 9 -0.55 9.09 -4.91
C ASN A 9 -1.07 8.32 -3.70
N TRP A 10 -0.59 7.09 -3.50
CA TRP A 10 -0.99 6.20 -2.40
C TRP A 10 -1.26 6.91 -1.09
N SER A 11 -2.38 6.55 -0.46
CA SER A 11 -2.71 7.11 0.84
C SER A 11 -1.76 6.43 1.86
N PRO A 12 -1.65 6.96 3.08
CA PRO A 12 -0.81 6.35 4.09
C PRO A 12 -1.34 4.96 4.40
N TRP A 13 -0.46 4.13 4.93
CA TRP A 13 -0.85 2.80 5.31
C TRP A 13 -1.89 2.95 6.42
N SER A 14 -2.76 1.95 6.58
CA SER A 14 -3.80 2.00 7.60
C SER A 14 -3.07 1.99 8.93
N ALA A 15 -2.49 0.82 9.19
CA ALA A 15 -1.74 0.52 10.37
C ALA A 15 -0.89 -0.71 10.08
N CYS A 16 0.11 -0.90 10.92
CA CYS A 16 1.02 -2.01 10.89
C CYS A 16 0.29 -3.09 11.65
N SER A 17 0.05 -4.26 11.03
CA SER A 17 -0.61 -5.35 11.74
C SER A 17 0.28 -5.72 12.95
N SER A 18 1.58 -5.43 12.90
CA SER A 18 2.49 -5.69 14.00
C SER A 18 2.44 -4.49 14.94
N SER A 19 2.21 -4.71 16.22
CA SER A 19 2.16 -3.69 17.26
C SER A 19 3.37 -3.82 18.19
N THR A 20 4.35 -4.63 17.80
CA THR A 20 5.59 -4.91 18.51
C THR A 20 6.71 -4.89 17.47
N CYS A 21 7.95 -5.13 17.88
CA CYS A 21 9.09 -5.14 16.96
C CYS A 21 9.08 -6.36 16.01
N GLU A 22 8.06 -7.21 16.09
CA GLU A 22 7.92 -8.37 15.23
C GLU A 22 7.44 -7.93 13.85
N LYS A 23 7.60 -8.75 12.82
CA LYS A 23 7.16 -8.39 11.48
C LYS A 23 5.71 -8.80 11.29
N GLY A 24 4.98 -7.92 10.64
CA GLY A 24 3.58 -7.98 10.28
C GLY A 24 3.47 -7.44 8.85
N LYS A 25 2.27 -7.03 8.47
CA LYS A 25 1.95 -6.45 7.16
C LYS A 25 1.04 -5.26 7.34
N ARG A 26 1.22 -4.23 6.51
CA ARG A 26 0.36 -3.04 6.52
C ARG A 26 -0.54 -3.16 5.30
N MET A 27 -1.58 -2.35 5.21
CA MET A 27 -2.51 -2.33 4.10
C MET A 27 -2.70 -0.87 3.73
N ARG A 28 -2.95 -0.55 2.46
CA ARG A 28 -3.17 0.82 2.01
C ARG A 28 -4.07 0.77 0.80
N GLN A 29 -4.61 1.91 0.41
CA GLN A 29 -5.49 2.01 -0.74
C GLN A 29 -5.25 3.31 -1.49
N ARG A 30 -5.80 3.38 -2.70
CA ARG A 30 -5.73 4.52 -3.59
C ARG A 30 -6.95 4.54 -4.51
N MET A 31 -7.08 5.61 -5.30
CA MET A 31 -8.16 5.84 -6.24
C MET A 31 -7.59 5.86 -7.65
N LEU A 32 -8.37 5.38 -8.62
CA LEU A 32 -7.99 5.34 -10.03
C LEU A 32 -8.15 6.74 -10.64
N LYS A 33 -7.05 7.42 -10.97
CA LYS A 33 -7.07 8.76 -11.57
C LYS A 33 -7.43 8.69 -13.04
N ALA A 34 -6.75 7.85 -13.82
CA ALA A 34 -6.99 7.68 -15.25
C ALA A 34 -6.75 6.23 -15.66
N GLN A 35 -7.31 5.83 -16.79
CA GLN A 35 -7.17 4.49 -17.35
C GLN A 35 -7.19 4.65 -18.86
N LEU A 36 -6.34 3.89 -19.57
CA LEU A 36 -6.24 3.93 -21.03
C LEU A 36 -7.38 3.17 -21.69
N ASP A 37 -8.05 2.32 -20.93
CA ASP A 37 -9.18 1.54 -21.41
C ASP A 37 -10.26 1.80 -20.38
N LEU A 38 -11.27 2.61 -20.75
CA LEU A 38 -12.37 2.98 -19.88
C LEU A 38 -13.38 1.85 -19.69
N SER A 39 -13.31 0.77 -20.47
CA SER A 39 -14.22 -0.35 -20.36
C SER A 39 -13.74 -1.34 -19.31
N VAL A 40 -12.42 -1.46 -19.16
CA VAL A 40 -11.74 -2.34 -18.25
C VAL A 40 -11.29 -1.52 -17.04
N PRO A 41 -11.89 -1.67 -15.86
CA PRO A 41 -11.48 -0.92 -14.68
C PRO A 41 -10.12 -1.37 -14.18
N CYS A 42 -9.62 -0.62 -13.21
CA CYS A 42 -8.34 -0.82 -12.58
C CYS A 42 -8.50 -1.09 -11.08
N PRO A 43 -8.62 -2.37 -10.68
CA PRO A 43 -8.78 -2.81 -9.29
C PRO A 43 -7.49 -2.89 -8.46
N ASP A 44 -6.30 -2.50 -8.96
CA ASP A 44 -5.04 -2.55 -8.19
C ASP A 44 -4.91 -1.29 -7.34
N THR A 45 -6.00 -0.98 -6.63
CA THR A 45 -6.20 0.14 -5.74
C THR A 45 -5.86 -0.20 -4.30
N GLN A 46 -5.39 -1.42 -3.99
CA GLN A 46 -5.03 -1.84 -2.64
C GLN A 46 -3.69 -2.57 -2.70
N ASP A 47 -2.77 -2.23 -1.78
CA ASP A 47 -1.43 -2.82 -1.70
C ASP A 47 -1.11 -3.22 -0.26
N PHE A 48 -0.13 -4.12 -0.11
CA PHE A 48 0.34 -4.69 1.15
C PHE A 48 1.87 -4.81 1.06
N GLN A 49 2.56 -4.60 2.18
CA GLN A 49 4.01 -4.69 2.34
C GLN A 49 4.32 -5.02 3.80
N PRO A 50 5.52 -5.54 4.13
CA PRO A 50 5.89 -5.89 5.50
C PRO A 50 6.03 -4.64 6.37
N CYS A 51 6.02 -4.83 7.69
CA CYS A 51 6.17 -3.72 8.65
C CYS A 51 6.36 -4.24 10.07
N MET A 52 7.00 -3.44 10.92
CA MET A 52 7.29 -3.68 12.33
C MET A 52 6.82 -2.44 13.10
N GLY A 53 6.68 -2.55 14.42
CA GLY A 53 6.26 -1.46 15.28
C GLY A 53 7.19 -0.24 15.23
N PRO A 54 6.73 0.92 15.73
CA PRO A 54 7.52 2.15 15.75
C PRO A 54 8.64 1.99 16.79
N GLY A 55 9.70 2.78 16.69
CA GLY A 55 10.84 2.70 17.62
C GLY A 55 11.76 1.57 17.16
N CYS A 56 11.18 0.38 16.99
CA CYS A 56 11.81 -0.86 16.55
C CYS A 56 12.42 -0.76 15.14
N SER A 57 11.96 0.20 14.35
CA SER A 57 12.43 0.40 12.98
C SER A 57 12.11 1.81 12.53
N ASP A 58 12.92 2.29 11.57
CA ASP A 58 12.78 3.62 10.99
C ASP A 58 12.75 4.71 12.07
N GLU A 59 13.44 4.43 13.17
CA GLU A 59 13.65 5.24 14.37
C GLU A 59 15.02 4.87 14.94
N ASP A 60 15.57 5.75 15.77
CA ASP A 60 16.86 5.62 16.44
C ASP A 60 16.77 4.70 17.66
N GLY A 61 15.57 4.32 18.11
CA GLY A 61 15.41 3.46 19.25
C GLY A 61 13.94 3.30 19.57
N GLY A 1 3.88 -3.55 -15.18
CA GLY A 1 3.46 -2.20 -14.77
C GLY A 1 2.10 -1.91 -15.36
N SER A 2 1.09 -1.55 -14.56
CA SER A 2 -0.24 -1.24 -15.05
C SER A 2 -0.21 0.15 -15.68
N GLU A 3 0.29 0.27 -16.91
CA GLU A 3 0.39 1.55 -17.61
C GLU A 3 -0.97 2.08 -18.03
N THR A 4 -1.95 1.20 -18.24
CA THR A 4 -3.29 1.58 -18.66
C THR A 4 -4.14 2.09 -17.49
N CYS A 5 -3.55 2.25 -16.30
CA CYS A 5 -4.21 2.70 -15.09
C CYS A 5 -3.38 3.84 -14.51
N ILE A 6 -3.96 5.03 -14.45
CA ILE A 6 -3.32 6.23 -13.92
C ILE A 6 -4.04 6.47 -12.60
N TYR A 7 -3.41 6.09 -11.50
CA TYR A 7 -3.97 6.23 -10.16
C TYR A 7 -3.38 7.45 -9.46
N SER A 8 -4.00 7.83 -8.35
CA SER A 8 -3.59 8.92 -7.50
C SER A 8 -2.49 8.43 -6.56
N ASN A 9 -1.95 9.34 -5.74
CA ASN A 9 -0.92 9.04 -4.78
C ASN A 9 -1.36 7.90 -3.88
N TRP A 10 -0.40 7.08 -3.46
CA TRP A 10 -0.70 5.97 -2.57
C TRP A 10 -1.01 6.56 -1.21
N SER A 11 -2.05 6.07 -0.54
CA SER A 11 -2.39 6.58 0.76
C SER A 11 -1.26 6.27 1.74
N PRO A 12 -1.19 6.97 2.89
CA PRO A 12 -0.17 6.66 3.88
C PRO A 12 -0.55 5.26 4.38
N TRP A 13 0.44 4.53 4.87
CA TRP A 13 0.19 3.20 5.35
C TRP A 13 -0.63 3.24 6.63
N SER A 14 -1.46 2.22 6.82
CA SER A 14 -2.29 2.06 7.98
C SER A 14 -1.41 1.58 9.13
N ALA A 15 -2.06 1.24 10.24
CA ALA A 15 -1.39 0.72 11.40
C ALA A 15 -0.78 -0.62 10.99
N CYS A 16 0.40 -0.92 11.50
CA CYS A 16 1.06 -2.19 11.20
C CYS A 16 0.16 -3.28 11.78
N SER A 17 -0.08 -4.36 11.03
CA SER A 17 -0.89 -5.49 11.49
C SER A 17 -0.28 -5.98 12.80
N SER A 18 1.04 -5.86 12.91
CA SER A 18 1.79 -6.21 14.10
C SER A 18 1.95 -4.94 14.92
N SER A 19 1.40 -4.94 16.11
CA SER A 19 1.51 -3.80 17.03
C SER A 19 2.84 -3.87 17.80
N THR A 20 3.62 -4.93 17.58
CA THR A 20 4.89 -5.18 18.22
C THR A 20 6.00 -5.29 17.17
N CYS A 21 7.22 -5.53 17.62
CA CYS A 21 8.39 -5.67 16.77
C CYS A 21 8.33 -6.97 15.93
N GLU A 22 7.33 -7.84 16.12
CA GLU A 22 7.22 -9.06 15.33
C GLU A 22 6.85 -8.66 13.90
N LYS A 23 7.66 -8.99 12.91
CA LYS A 23 7.44 -8.67 11.49
C LYS A 23 6.00 -8.90 11.07
N GLY A 24 5.35 -7.85 10.58
CA GLY A 24 3.97 -7.84 10.12
C GLY A 24 3.87 -7.10 8.79
N LYS A 25 2.67 -6.70 8.41
CA LYS A 25 2.39 -5.95 7.18
C LYS A 25 1.37 -4.83 7.41
N ARG A 26 1.42 -3.77 6.60
CA ARG A 26 0.49 -2.64 6.64
C ARG A 26 -0.42 -2.77 5.42
N MET A 27 -1.47 -1.95 5.36
CA MET A 27 -2.46 -1.89 4.29
C MET A 27 -2.49 -0.46 3.77
N ARG A 28 -2.74 -0.28 2.47
CA ARG A 28 -2.85 1.03 1.84
C ARG A 28 -3.76 0.87 0.62
N GLN A 29 -4.17 1.99 0.07
CA GLN A 29 -5.03 2.04 -1.10
C GLN A 29 -4.79 3.35 -1.82
N ARG A 30 -5.34 3.47 -3.03
CA ARG A 30 -5.26 4.69 -3.81
C ARG A 30 -6.58 4.88 -4.54
N MET A 31 -6.73 5.97 -5.29
CA MET A 31 -7.94 6.27 -6.03
C MET A 31 -7.56 6.41 -7.51
N LEU A 32 -8.25 5.68 -8.38
CA LEU A 32 -8.01 5.68 -9.82
C LEU A 32 -8.35 7.07 -10.36
N LYS A 33 -7.41 7.74 -11.05
CA LYS A 33 -7.61 9.07 -11.63
C LYS A 33 -8.14 8.94 -13.05
N ALA A 34 -7.51 8.14 -13.90
CA ALA A 34 -7.91 7.91 -15.28
C ALA A 34 -7.46 6.50 -15.66
N GLN A 35 -8.04 5.94 -16.73
CA GLN A 35 -7.69 4.61 -17.25
C GLN A 35 -7.65 4.75 -18.76
N LEU A 36 -6.66 4.14 -19.41
CA LEU A 36 -6.50 4.20 -20.85
C LEU A 36 -7.60 3.41 -21.55
N ASP A 37 -8.11 2.34 -20.92
CA ASP A 37 -9.15 1.49 -21.47
C ASP A 37 -10.31 1.43 -20.49
N LEU A 38 -11.38 2.17 -20.78
CA LEU A 38 -12.59 2.26 -19.97
C LEU A 38 -13.28 0.90 -19.80
N SER A 39 -12.99 -0.05 -20.70
CA SER A 39 -13.54 -1.38 -20.70
C SER A 39 -12.84 -2.33 -19.72
N VAL A 40 -11.73 -1.91 -19.11
CA VAL A 40 -10.96 -2.73 -18.19
C VAL A 40 -10.67 -1.91 -16.95
N PRO A 41 -11.34 -2.18 -15.82
CA PRO A 41 -11.11 -1.44 -14.61
C PRO A 41 -9.74 -1.76 -14.05
N CYS A 42 -9.37 -0.99 -13.03
CA CYS A 42 -8.11 -1.11 -12.34
C CYS A 42 -8.36 -1.48 -10.87
N PRO A 43 -8.80 -2.72 -10.57
CA PRO A 43 -9.07 -3.19 -9.20
C PRO A 43 -7.85 -3.21 -8.27
N ASP A 44 -6.66 -2.95 -8.79
CA ASP A 44 -5.34 -2.89 -8.12
C ASP A 44 -5.26 -1.72 -7.12
N THR A 45 -6.37 -1.12 -6.74
CA THR A 45 -6.52 0.02 -5.85
C THR A 45 -5.99 -0.20 -4.45
N GLN A 46 -5.52 -1.40 -4.09
CA GLN A 46 -5.05 -1.74 -2.77
C GLN A 46 -3.72 -2.46 -2.80
N ASP A 47 -2.92 -2.28 -1.75
CA ASP A 47 -1.62 -2.93 -1.63
C ASP A 47 -1.26 -3.19 -0.17
N PHE A 48 -0.37 -4.17 0.07
CA PHE A 48 0.09 -4.60 1.39
C PHE A 48 1.59 -4.89 1.35
N GLN A 49 2.37 -4.26 2.24
CA GLN A 49 3.83 -4.45 2.34
C GLN A 49 4.24 -4.65 3.79
N PRO A 50 5.47 -5.16 4.04
CA PRO A 50 5.98 -5.40 5.38
C PRO A 50 6.08 -4.16 6.25
N CYS A 51 6.16 -4.41 7.55
CA CYS A 51 6.30 -3.41 8.59
C CYS A 51 6.92 -4.07 9.81
N MET A 52 7.31 -3.19 10.72
CA MET A 52 7.89 -3.49 12.01
C MET A 52 7.26 -2.47 12.97
N GLY A 53 6.82 -2.90 14.14
CA GLY A 53 6.21 -2.00 15.13
C GLY A 53 7.21 -0.91 15.55
N PRO A 54 6.73 0.13 16.27
CA PRO A 54 7.59 1.22 16.72
C PRO A 54 8.74 0.70 17.58
N GLY A 55 9.88 1.38 17.52
CA GLY A 55 11.12 1.07 18.24
C GLY A 55 11.85 -0.16 17.71
N CYS A 56 11.19 -1.05 16.96
CA CYS A 56 11.76 -2.28 16.42
C CYS A 56 13.00 -2.06 15.58
N SER A 57 12.99 -1.08 14.68
CA SER A 57 14.09 -0.75 13.78
C SER A 57 15.17 0.10 14.44
N ASP A 58 15.14 0.24 15.77
CA ASP A 58 16.05 1.08 16.57
C ASP A 58 15.88 2.54 16.12
N GLU A 59 14.73 2.83 15.52
CA GLU A 59 14.23 4.07 14.96
C GLU A 59 12.74 4.11 15.34
N ASP A 60 12.05 5.22 15.07
CA ASP A 60 10.63 5.49 15.31
C ASP A 60 10.10 4.88 16.62
N GLY A 61 10.69 5.26 17.75
CA GLY A 61 10.29 4.79 19.07
C GLY A 61 9.34 5.81 19.67
N GLY A 1 0.49 -5.30 -14.50
CA GLY A 1 1.29 -4.10 -14.26
C GLY A 1 0.42 -2.86 -14.39
N SER A 2 0.69 -1.87 -13.55
CA SER A 2 0.01 -0.57 -13.47
C SER A 2 0.14 0.31 -14.73
N GLU A 3 0.74 -0.19 -15.79
CA GLU A 3 0.95 0.51 -17.04
C GLU A 3 -0.35 0.97 -17.72
N THR A 4 -1.42 0.20 -17.58
CA THR A 4 -2.73 0.47 -18.16
C THR A 4 -3.62 1.31 -17.22
N CYS A 5 -3.11 1.73 -16.06
CA CYS A 5 -3.90 2.46 -15.10
C CYS A 5 -3.21 3.74 -14.63
N ILE A 6 -4.00 4.73 -14.25
CA ILE A 6 -3.54 6.03 -13.79
C ILE A 6 -4.28 6.31 -12.49
N TYR A 7 -3.65 5.93 -11.38
CA TYR A 7 -4.21 6.10 -10.04
C TYR A 7 -3.66 7.38 -9.39
N SER A 8 -4.30 7.84 -8.31
CA SER A 8 -3.90 9.02 -7.54
C SER A 8 -2.65 8.68 -6.71
N ASN A 9 -2.10 9.66 -5.99
CA ASN A 9 -0.95 9.37 -5.14
C ASN A 9 -1.43 8.46 -4.01
N TRP A 10 -0.63 7.50 -3.58
CA TRP A 10 -1.02 6.59 -2.52
C TRP A 10 -1.28 7.30 -1.20
N SER A 11 -2.24 6.80 -0.43
CA SER A 11 -2.52 7.33 0.88
C SER A 11 -1.44 6.70 1.80
N PRO A 12 -1.13 7.26 2.97
CA PRO A 12 -0.12 6.69 3.86
C PRO A 12 -0.54 5.33 4.40
N TRP A 13 0.45 4.60 4.91
CA TRP A 13 0.27 3.28 5.49
C TRP A 13 -0.49 3.40 6.79
N SER A 14 -1.52 2.57 7.00
CA SER A 14 -2.33 2.56 8.19
C SER A 14 -1.54 1.91 9.34
N ALA A 15 -2.23 1.71 10.46
CA ALA A 15 -1.67 1.08 11.64
C ALA A 15 -1.13 -0.28 11.22
N CYS A 16 0.13 -0.57 11.53
CA CYS A 16 0.73 -1.83 11.14
C CYS A 16 -0.01 -3.00 11.81
N SER A 17 -0.21 -4.06 11.03
CA SER A 17 -0.89 -5.27 11.50
C SER A 17 -0.14 -5.89 12.67
N SER A 18 1.19 -5.70 12.79
CA SER A 18 1.93 -6.22 13.93
C SER A 18 2.38 -5.01 14.74
N SER A 19 1.95 -4.92 16.00
CA SER A 19 2.34 -3.83 16.88
C SER A 19 3.71 -4.16 17.49
N THR A 20 4.25 -5.35 17.21
CA THR A 20 5.49 -5.88 17.72
C THR A 20 6.50 -6.15 16.61
N CYS A 21 7.70 -6.59 17.02
CA CYS A 21 8.82 -6.91 16.16
C CYS A 21 8.50 -8.10 15.24
N GLU A 22 7.45 -8.86 15.56
CA GLU A 22 7.00 -9.98 14.78
C GLU A 22 6.57 -9.43 13.43
N LYS A 23 6.93 -10.13 12.36
CA LYS A 23 6.63 -9.70 10.99
C LYS A 23 5.14 -9.52 10.80
N GLY A 24 4.78 -8.38 10.23
CA GLY A 24 3.43 -7.97 9.93
C GLY A 24 3.45 -7.21 8.63
N LYS A 25 2.31 -6.64 8.28
CA LYS A 25 2.15 -5.85 7.08
C LYS A 25 1.36 -4.61 7.39
N ARG A 26 1.35 -3.69 6.44
CA ARG A 26 0.62 -2.44 6.49
C ARG A 26 -0.39 -2.46 5.34
N MET A 27 -1.31 -1.51 5.30
CA MET A 27 -2.31 -1.42 4.25
C MET A 27 -2.43 0.05 3.84
N ARG A 28 -2.83 0.30 2.60
CA ARG A 28 -3.05 1.64 2.06
C ARG A 28 -3.95 1.46 0.85
N GLN A 29 -4.77 2.46 0.54
CA GLN A 29 -5.65 2.43 -0.63
C GLN A 29 -5.63 3.79 -1.30
N ARG A 30 -6.01 3.82 -2.57
CA ARG A 30 -6.06 5.02 -3.39
C ARG A 30 -7.27 5.00 -4.31
N MET A 31 -7.36 5.93 -5.25
CA MET A 31 -8.46 6.02 -6.19
C MET A 31 -7.93 6.03 -7.62
N LEU A 32 -8.72 5.49 -8.54
CA LEU A 32 -8.37 5.43 -9.95
C LEU A 32 -8.73 6.81 -10.53
N LYS A 33 -7.77 7.50 -11.13
CA LYS A 33 -7.96 8.83 -11.74
C LYS A 33 -8.38 8.70 -13.20
N ALA A 34 -7.76 7.77 -13.94
CA ALA A 34 -8.01 7.46 -15.33
C ALA A 34 -7.44 6.05 -15.60
N GLN A 35 -7.78 5.47 -16.74
CA GLN A 35 -7.33 4.15 -17.19
C GLN A 35 -7.14 4.21 -18.70
N LEU A 36 -6.16 3.48 -19.19
CA LEU A 36 -5.85 3.42 -20.61
C LEU A 36 -6.90 2.57 -21.32
N ASP A 37 -7.50 1.60 -20.64
CA ASP A 37 -8.51 0.71 -21.20
C ASP A 37 -9.82 0.94 -20.46
N LEU A 38 -10.72 1.70 -21.08
CA LEU A 38 -12.03 2.04 -20.54
C LEU A 38 -12.93 0.81 -20.34
N SER A 39 -12.54 -0.38 -20.79
CA SER A 39 -13.31 -1.60 -20.63
C SER A 39 -12.69 -2.53 -19.58
N VAL A 40 -11.54 -2.18 -19.00
CA VAL A 40 -10.86 -3.00 -18.00
C VAL A 40 -10.54 -2.11 -16.80
N PRO A 41 -11.10 -2.38 -15.61
CA PRO A 41 -10.84 -1.58 -14.43
C PRO A 41 -9.43 -1.79 -13.90
N CYS A 42 -9.11 -1.04 -12.87
CA CYS A 42 -7.85 -1.03 -12.17
C CYS A 42 -8.10 -1.35 -10.69
N PRO A 43 -8.33 -2.63 -10.35
CA PRO A 43 -8.58 -3.08 -8.98
C PRO A 43 -7.42 -2.89 -7.99
N ASP A 44 -6.21 -2.53 -8.46
CA ASP A 44 -5.04 -2.31 -7.61
C ASP A 44 -5.12 -1.04 -6.76
N THR A 45 -6.32 -0.57 -6.42
CA THR A 45 -6.53 0.61 -5.60
C THR A 45 -6.24 0.31 -4.12
N GLN A 46 -5.56 -0.80 -3.80
CA GLN A 46 -5.17 -1.24 -2.46
C GLN A 46 -3.78 -1.89 -2.56
N ASP A 47 -2.94 -1.69 -1.55
CA ASP A 47 -1.57 -2.24 -1.48
C ASP A 47 -1.22 -2.60 -0.03
N PHE A 48 -0.32 -3.57 0.17
CA PHE A 48 0.12 -4.07 1.47
C PHE A 48 1.61 -4.40 1.47
N GLN A 49 2.45 -3.66 2.21
CA GLN A 49 3.90 -3.90 2.29
C GLN A 49 4.30 -4.49 3.65
N PRO A 50 5.44 -5.21 3.72
CA PRO A 50 5.96 -5.81 4.95
C PRO A 50 6.32 -4.73 5.98
N CYS A 51 6.14 -5.02 7.26
CA CYS A 51 6.42 -4.13 8.39
C CYS A 51 7.01 -4.90 9.56
N MET A 52 7.54 -4.15 10.54
CA MET A 52 8.14 -4.58 11.79
C MET A 52 7.80 -3.47 12.77
N GLY A 53 7.44 -3.83 14.00
CA GLY A 53 7.07 -2.87 15.05
C GLY A 53 8.15 -1.86 15.41
N PRO A 54 7.78 -0.85 16.21
CA PRO A 54 8.72 0.19 16.66
C PRO A 54 9.77 -0.46 17.55
N GLY A 55 11.02 -0.06 17.38
CA GLY A 55 12.15 -0.55 18.13
C GLY A 55 12.73 -1.86 17.60
N CYS A 56 12.08 -2.55 16.66
CA CYS A 56 12.53 -3.81 16.06
C CYS A 56 13.79 -3.65 15.20
N SER A 57 14.24 -2.41 15.07
CA SER A 57 15.41 -1.97 14.37
C SER A 57 16.05 -0.89 15.25
N ASP A 58 17.37 -0.76 15.20
CA ASP A 58 18.17 0.19 15.98
C ASP A 58 18.18 -0.18 17.48
N GLU A 59 17.77 -1.40 17.82
CA GLU A 59 17.77 -1.91 19.20
C GLU A 59 19.24 -2.06 19.64
N ASP A 60 20.10 -2.41 18.68
CA ASP A 60 21.53 -2.63 18.71
C ASP A 60 22.01 -3.78 19.60
N GLY A 61 21.28 -4.10 20.66
CA GLY A 61 21.59 -5.20 21.57
C GLY A 61 21.28 -6.52 20.89
N GLY A 1 4.66 -2.41 -14.33
CA GLY A 1 3.93 -2.03 -13.11
C GLY A 1 2.55 -1.54 -13.47
N SER A 2 2.46 -0.27 -13.85
CA SER A 2 1.24 0.38 -14.26
C SER A 2 1.53 1.00 -15.62
N GLU A 3 0.67 0.76 -16.61
CA GLU A 3 0.80 1.25 -17.95
C GLU A 3 -0.53 1.66 -18.55
N THR A 4 -1.60 0.87 -18.39
CA THR A 4 -2.92 1.20 -18.93
C THR A 4 -3.80 1.85 -17.85
N CYS A 5 -3.26 2.11 -16.66
CA CYS A 5 -3.94 2.70 -15.53
C CYS A 5 -3.05 3.77 -14.89
N ILE A 6 -3.70 4.80 -14.36
CA ILE A 6 -3.13 5.96 -13.70
C ILE A 6 -3.97 6.13 -12.44
N TYR A 7 -3.41 5.78 -11.30
CA TYR A 7 -4.08 5.86 -10.02
C TYR A 7 -3.63 7.15 -9.29
N SER A 8 -4.24 7.47 -8.16
CA SER A 8 -3.88 8.63 -7.35
C SER A 8 -2.60 8.33 -6.56
N ASN A 9 -2.01 9.36 -5.94
CA ASN A 9 -0.80 9.22 -5.12
C ASN A 9 -1.20 8.39 -3.91
N TRP A 10 -0.60 7.21 -3.75
CA TRP A 10 -0.88 6.28 -2.65
C TRP A 10 -1.12 7.01 -1.33
N SER A 11 -2.30 6.82 -0.74
CA SER A 11 -2.65 7.44 0.52
C SER A 11 -1.76 6.90 1.66
N PRO A 12 -1.67 7.61 2.80
CA PRO A 12 -0.83 7.22 3.93
C PRO A 12 -1.15 5.84 4.49
N TRP A 13 -0.10 5.09 4.84
CA TRP A 13 -0.23 3.75 5.40
C TRP A 13 -0.96 3.82 6.74
N SER A 14 -1.83 2.84 6.99
CA SER A 14 -2.57 2.73 8.23
C SER A 14 -1.70 1.92 9.20
N ALA A 15 -2.24 1.56 10.37
CA ALA A 15 -1.53 0.81 11.39
C ALA A 15 -0.95 -0.51 10.86
N CYS A 16 0.18 -0.88 11.43
CA CYS A 16 0.91 -2.09 11.15
C CYS A 16 0.14 -3.20 11.83
N SER A 17 -0.08 -4.30 11.10
CA SER A 17 -0.81 -5.45 11.66
C SER A 17 -0.10 -5.99 12.91
N SER A 18 1.23 -5.79 13.03
CA SER A 18 2.04 -6.23 14.15
C SER A 18 2.42 -5.06 15.05
N SER A 19 2.05 -5.17 16.32
CA SER A 19 2.36 -4.22 17.39
C SER A 19 3.43 -4.92 18.26
N THR A 20 4.11 -5.92 17.68
CA THR A 20 5.16 -6.79 18.17
C THR A 20 6.31 -6.65 17.17
N CYS A 21 7.55 -6.87 17.58
CA CYS A 21 8.73 -6.75 16.70
C CYS A 21 8.78 -7.81 15.59
N GLU A 22 7.73 -8.61 15.39
CA GLU A 22 7.67 -9.60 14.34
C GLU A 22 7.32 -8.87 13.04
N LYS A 23 7.45 -9.56 11.90
CA LYS A 23 7.12 -8.96 10.62
C LYS A 23 5.65 -9.14 10.30
N GLY A 24 4.95 -8.01 10.31
CA GLY A 24 3.55 -7.86 10.00
C GLY A 24 3.48 -7.07 8.72
N LYS A 25 2.36 -6.41 8.47
CA LYS A 25 2.17 -5.61 7.26
C LYS A 25 1.11 -4.54 7.47
N ARG A 26 1.23 -3.45 6.74
CA ARG A 26 0.32 -2.30 6.78
C ARG A 26 -0.62 -2.39 5.59
N MET A 27 -1.54 -1.43 5.45
CA MET A 27 -2.49 -1.36 4.35
C MET A 27 -2.51 0.08 3.87
N ARG A 28 -2.64 0.30 2.55
CA ARG A 28 -2.72 1.63 1.94
C ARG A 28 -3.67 1.51 0.78
N GLN A 29 -4.28 2.61 0.37
CA GLN A 29 -5.23 2.61 -0.72
C GLN A 29 -5.04 3.83 -1.62
N ARG A 30 -5.63 3.77 -2.80
CA ARG A 30 -5.65 4.79 -3.84
C ARG A 30 -6.88 4.57 -4.70
N MET A 31 -7.14 5.47 -5.63
CA MET A 31 -8.27 5.39 -6.54
C MET A 31 -7.73 5.48 -7.96
N LEU A 32 -8.49 4.94 -8.91
CA LEU A 32 -8.14 4.95 -10.32
C LEU A 32 -8.56 6.32 -10.84
N LYS A 33 -7.60 7.15 -11.24
CA LYS A 33 -7.83 8.50 -11.75
C LYS A 33 -8.09 8.48 -13.25
N ALA A 34 -7.35 7.69 -14.02
CA ALA A 34 -7.50 7.56 -15.46
C ALA A 34 -7.07 6.16 -15.87
N GLN A 35 -7.54 5.71 -17.03
CA GLN A 35 -7.24 4.42 -17.59
C GLN A 35 -7.25 4.57 -19.11
N LEU A 36 -6.39 3.83 -19.79
CA LEU A 36 -6.29 3.87 -21.25
C LEU A 36 -7.39 3.01 -21.87
N ASP A 37 -8.04 2.16 -21.06
CA ASP A 37 -9.12 1.28 -21.48
C ASP A 37 -10.23 1.37 -20.41
N LEU A 38 -11.28 2.14 -20.73
CA LEU A 38 -12.43 2.37 -19.86
C LEU A 38 -13.24 1.10 -19.58
N SER A 39 -12.97 0.00 -20.29
CA SER A 39 -13.65 -1.28 -20.14
C SER A 39 -12.80 -2.28 -19.37
N VAL A 40 -11.57 -1.92 -19.01
CA VAL A 40 -10.65 -2.76 -18.27
C VAL A 40 -10.29 -1.95 -17.01
N PRO A 41 -11.10 -2.05 -15.94
CA PRO A 41 -10.84 -1.34 -14.71
C PRO A 41 -9.62 -1.93 -14.01
N CYS A 42 -9.07 -1.14 -13.09
CA CYS A 42 -7.91 -1.50 -12.31
C CYS A 42 -8.27 -1.53 -10.82
N PRO A 43 -8.67 -2.70 -10.28
CA PRO A 43 -9.04 -2.87 -8.88
C PRO A 43 -7.82 -2.87 -7.93
N ASP A 44 -6.61 -2.60 -8.41
CA ASP A 44 -5.32 -2.53 -7.71
C ASP A 44 -5.24 -1.24 -6.87
N THR A 45 -6.34 -0.89 -6.24
CA THR A 45 -6.51 0.28 -5.41
C THR A 45 -5.97 0.06 -4.01
N GLN A 46 -5.51 -1.14 -3.63
CA GLN A 46 -4.99 -1.40 -2.29
C GLN A 46 -3.72 -2.24 -2.33
N ASP A 47 -2.74 -1.89 -1.49
CA ASP A 47 -1.44 -2.57 -1.37
C ASP A 47 -1.16 -2.84 0.10
N PHE A 48 -0.31 -3.83 0.38
CA PHE A 48 0.06 -4.26 1.72
C PHE A 48 1.56 -4.52 1.80
N GLN A 49 2.35 -3.63 2.42
CA GLN A 49 3.79 -3.78 2.56
C GLN A 49 4.10 -4.28 3.97
N PRO A 50 5.26 -4.94 4.17
CA PRO A 50 5.69 -5.47 5.44
C PRO A 50 6.02 -4.36 6.44
N CYS A 51 5.91 -4.66 7.72
CA CYS A 51 6.22 -3.73 8.79
C CYS A 51 6.52 -4.48 10.07
N MET A 52 6.89 -3.77 11.14
CA MET A 52 7.17 -4.35 12.44
C MET A 52 6.62 -3.40 13.51
N GLY A 53 6.38 -3.94 14.70
CA GLY A 53 5.86 -3.20 15.85
C GLY A 53 6.90 -2.24 16.44
N PRO A 54 6.57 -1.57 17.55
CA PRO A 54 7.48 -0.63 18.22
C PRO A 54 8.65 -1.37 18.87
N GLY A 55 9.70 -0.63 19.24
CA GLY A 55 10.89 -1.20 19.87
C GLY A 55 11.52 -2.24 18.96
N CYS A 56 11.56 -1.98 17.64
CA CYS A 56 12.08 -2.89 16.65
C CYS A 56 13.03 -2.21 15.66
N SER A 57 13.71 -3.01 14.85
CA SER A 57 14.67 -2.57 13.83
C SER A 57 13.97 -2.17 12.52
N ASP A 58 12.89 -1.40 12.61
CA ASP A 58 12.14 -0.96 11.42
C ASP A 58 12.94 0.04 10.55
N GLU A 59 14.17 0.36 10.96
CA GLU A 59 15.16 1.24 10.36
C GLU A 59 15.44 0.84 8.91
N ASP A 60 15.43 -0.48 8.66
CA ASP A 60 15.68 -1.07 7.35
C ASP A 60 14.41 -1.02 6.51
N GLY A 61 13.91 0.20 6.30
CA GLY A 61 12.73 0.53 5.52
C GLY A 61 12.74 -0.23 4.22
N GLY A 1 4.23 -2.18 -15.99
CA GLY A 1 3.35 -2.23 -14.82
C GLY A 1 2.74 -0.87 -14.57
N SER A 2 1.49 -0.82 -14.09
CA SER A 2 0.71 0.38 -13.79
C SER A 2 0.88 1.42 -14.91
N GLU A 3 0.51 1.01 -16.12
CA GLU A 3 0.61 1.79 -17.35
C GLU A 3 -0.71 1.93 -18.13
N THR A 4 -1.68 1.08 -17.86
CA THR A 4 -3.01 1.06 -18.48
C THR A 4 -4.02 1.72 -17.54
N CYS A 5 -3.52 2.28 -16.45
CA CYS A 5 -4.26 2.91 -15.37
C CYS A 5 -3.43 4.06 -14.85
N ILE A 6 -4.10 5.14 -14.44
CA ILE A 6 -3.50 6.34 -13.90
C ILE A 6 -4.18 6.49 -12.55
N TYR A 7 -3.56 5.99 -11.50
CA TYR A 7 -4.11 6.05 -10.15
C TYR A 7 -3.58 7.25 -9.38
N SER A 8 -4.26 7.60 -8.30
CA SER A 8 -3.94 8.68 -7.38
C SER A 8 -2.64 8.40 -6.62
N ASN A 9 -2.17 9.39 -5.85
CA ASN A 9 -0.96 9.25 -5.07
C ASN A 9 -1.31 8.40 -3.84
N TRP A 10 -0.68 7.23 -3.69
CA TRP A 10 -0.93 6.30 -2.59
C TRP A 10 -1.05 6.98 -1.22
N SER A 11 -2.06 6.58 -0.45
CA SER A 11 -2.25 7.10 0.89
C SER A 11 -1.09 6.58 1.77
N PRO A 12 -0.83 7.20 2.94
CA PRO A 12 0.23 6.73 3.82
C PRO A 12 -0.22 5.39 4.40
N TRP A 13 0.75 4.57 4.79
CA TRP A 13 0.47 3.27 5.37
C TRP A 13 -0.31 3.43 6.67
N SER A 14 -1.27 2.54 6.93
CA SER A 14 -2.08 2.54 8.12
C SER A 14 -1.29 1.94 9.28
N ALA A 15 -1.98 1.72 10.40
CA ALA A 15 -1.41 1.12 11.58
C ALA A 15 -0.94 -0.27 11.20
N CYS A 16 0.34 -0.58 11.39
CA CYS A 16 0.86 -1.88 11.04
C CYS A 16 0.14 -2.96 11.83
N SER A 17 -0.11 -4.08 11.16
CA SER A 17 -0.78 -5.25 11.72
C SER A 17 0.00 -5.78 12.93
N SER A 18 1.32 -5.61 12.96
CA SER A 18 2.12 -6.05 14.08
C SER A 18 2.25 -4.91 15.08
N SER A 19 1.73 -5.13 16.27
CA SER A 19 1.80 -4.18 17.37
C SER A 19 3.13 -4.37 18.12
N THR A 20 3.96 -5.35 17.70
CA THR A 20 5.23 -5.71 18.28
C THR A 20 6.30 -5.86 17.19
N CYS A 21 7.54 -6.16 17.59
CA CYS A 21 8.68 -6.34 16.70
C CYS A 21 8.52 -7.53 15.73
N GLU A 22 7.47 -8.36 15.87
CA GLU A 22 7.28 -9.49 14.98
C GLU A 22 6.96 -8.94 13.57
N LYS A 23 7.44 -9.61 12.52
CA LYS A 23 7.16 -9.15 11.16
C LYS A 23 5.66 -9.25 10.90
N GLY A 24 5.07 -8.12 10.55
CA GLY A 24 3.68 -7.91 10.21
C GLY A 24 3.64 -7.29 8.83
N LYS A 25 2.62 -6.48 8.57
CA LYS A 25 2.41 -5.77 7.31
C LYS A 25 1.50 -4.58 7.55
N ARG A 26 1.36 -3.71 6.56
CA ARG A 26 0.55 -2.52 6.55
C ARG A 26 -0.42 -2.62 5.39
N MET A 27 -1.38 -1.71 5.38
CA MET A 27 -2.41 -1.60 4.37
C MET A 27 -2.46 -0.15 3.91
N ARG A 28 -2.79 0.07 2.63
CA ARG A 28 -2.94 1.39 2.05
C ARG A 28 -3.88 1.25 0.86
N GLN A 29 -4.48 2.34 0.43
CA GLN A 29 -5.37 2.34 -0.71
C GLN A 29 -5.20 3.64 -1.47
N ARG A 30 -5.73 3.65 -2.68
CA ARG A 30 -5.75 4.78 -3.58
C ARG A 30 -6.96 4.60 -4.48
N MET A 31 -7.18 5.54 -5.40
CA MET A 31 -8.29 5.50 -6.32
C MET A 31 -7.73 5.62 -7.73
N LEU A 32 -8.53 5.27 -8.72
CA LEU A 32 -8.20 5.33 -10.13
C LEU A 32 -8.66 6.70 -10.62
N LYS A 33 -7.71 7.54 -11.07
CA LYS A 33 -8.00 8.89 -11.58
C LYS A 33 -8.52 8.80 -13.01
N ALA A 34 -7.83 8.04 -13.86
CA ALA A 34 -8.17 7.81 -15.26
C ALA A 34 -7.59 6.44 -15.63
N GLN A 35 -8.06 5.82 -16.71
CA GLN A 35 -7.62 4.52 -17.19
C GLN A 35 -7.39 4.64 -18.69
N LEU A 36 -6.48 3.84 -19.21
CA LEU A 36 -6.15 3.85 -20.63
C LEU A 36 -7.16 3.00 -21.38
N ASP A 37 -7.72 1.99 -20.71
CA ASP A 37 -8.69 1.05 -21.25
C ASP A 37 -9.99 1.23 -20.49
N LEU A 38 -10.95 1.98 -21.04
CA LEU A 38 -12.22 2.20 -20.37
C LEU A 38 -12.97 0.88 -20.17
N SER A 39 -12.75 -0.08 -21.08
CA SER A 39 -13.37 -1.38 -21.06
C SER A 39 -12.72 -2.37 -20.09
N VAL A 40 -11.66 -1.98 -19.38
CA VAL A 40 -10.97 -2.82 -18.41
C VAL A 40 -10.66 -1.99 -17.17
N PRO A 41 -11.30 -2.27 -16.02
CA PRO A 41 -11.05 -1.53 -14.79
C PRO A 41 -9.65 -1.78 -14.23
N CYS A 42 -9.34 -1.04 -13.17
CA CYS A 42 -8.07 -1.08 -12.47
C CYS A 42 -8.27 -1.44 -10.99
N PRO A 43 -8.49 -2.73 -10.67
CA PRO A 43 -8.70 -3.25 -9.31
C PRO A 43 -7.39 -3.29 -8.52
N ASP A 44 -6.46 -2.37 -8.76
CA ASP A 44 -5.15 -2.26 -8.12
C ASP A 44 -5.14 -1.10 -7.11
N THR A 45 -6.30 -0.75 -6.58
CA THR A 45 -6.52 0.33 -5.63
C THR A 45 -6.11 -0.01 -4.19
N GLN A 46 -5.77 -1.26 -3.87
CA GLN A 46 -5.38 -1.70 -2.53
C GLN A 46 -3.97 -2.28 -2.60
N ASP A 47 -3.18 -2.04 -1.55
CA ASP A 47 -1.81 -2.54 -1.47
C ASP A 47 -1.41 -2.83 -0.03
N PHE A 48 -0.49 -3.79 0.16
CA PHE A 48 0.02 -4.24 1.43
C PHE A 48 1.50 -4.60 1.28
N GLN A 49 2.32 -4.27 2.28
CA GLN A 49 3.75 -4.55 2.35
C GLN A 49 4.10 -4.87 3.81
N PRO A 50 5.20 -5.61 4.08
CA PRO A 50 5.59 -5.99 5.43
C PRO A 50 5.96 -4.80 6.32
N CYS A 51 5.88 -5.00 7.64
CA CYS A 51 6.20 -4.02 8.67
C CYS A 51 6.69 -4.72 9.95
N MET A 52 7.13 -3.96 10.95
CA MET A 52 7.58 -4.35 12.27
C MET A 52 7.11 -3.20 13.17
N GLY A 53 6.76 -3.50 14.42
CA GLY A 53 6.25 -2.55 15.39
C GLY A 53 7.16 -1.33 15.61
N PRO A 54 6.62 -0.26 16.23
CA PRO A 54 7.38 0.94 16.50
C PRO A 54 8.49 0.55 17.48
N GLY A 55 9.71 1.01 17.23
CA GLY A 55 10.89 0.70 18.04
C GLY A 55 11.68 -0.34 17.25
N CYS A 56 11.01 -1.40 16.80
CA CYS A 56 11.61 -2.46 15.99
C CYS A 56 11.95 -1.89 14.61
N SER A 57 11.17 -0.92 14.14
CA SER A 57 11.35 -0.23 12.88
C SER A 57 12.44 0.80 13.18
N ASP A 58 13.69 0.33 13.24
CA ASP A 58 14.85 1.13 13.55
C ASP A 58 15.29 1.91 12.31
N GLU A 59 14.39 2.76 11.81
CA GLU A 59 14.57 3.65 10.66
C GLU A 59 15.28 4.94 11.14
N ASP A 60 15.87 4.89 12.34
CA ASP A 60 16.59 5.99 12.98
C ASP A 60 17.83 6.39 12.19
N GLY A 61 18.65 5.42 11.83
CA GLY A 61 19.87 5.61 11.09
C GLY A 61 20.84 4.59 11.62
N GLY A 1 0.13 -5.26 -17.66
CA GLY A 1 0.81 -4.14 -16.98
C GLY A 1 -0.19 -3.28 -16.22
N SER A 2 0.31 -2.42 -15.33
CA SER A 2 -0.51 -1.50 -14.54
C SER A 2 -0.64 -0.12 -15.20
N GLU A 3 0.11 0.08 -16.29
CA GLU A 3 0.21 1.27 -17.14
C GLU A 3 -1.13 1.66 -17.76
N THR A 4 -2.06 0.70 -17.89
CA THR A 4 -3.40 0.88 -18.43
C THR A 4 -4.24 1.74 -17.49
N CYS A 5 -3.68 2.17 -16.36
CA CYS A 5 -4.31 2.97 -15.34
C CYS A 5 -3.45 4.14 -14.91
N ILE A 6 -4.11 5.20 -14.42
CA ILE A 6 -3.55 6.44 -13.92
C ILE A 6 -4.19 6.61 -12.54
N TYR A 7 -3.48 6.21 -11.50
CA TYR A 7 -3.94 6.29 -10.13
C TYR A 7 -3.39 7.54 -9.46
N SER A 8 -3.96 7.89 -8.31
CA SER A 8 -3.50 9.04 -7.54
C SER A 8 -2.30 8.60 -6.67
N ASN A 9 -1.63 9.57 -6.05
CA ASN A 9 -0.47 9.35 -5.20
C ASN A 9 -0.88 8.43 -4.07
N TRP A 10 -0.14 7.33 -3.83
CA TRP A 10 -0.51 6.41 -2.76
C TRP A 10 -0.62 7.18 -1.44
N SER A 11 -1.62 6.81 -0.64
CA SER A 11 -1.90 7.35 0.67
C SER A 11 -0.98 6.62 1.68
N PRO A 12 -0.84 7.11 2.92
CA PRO A 12 0.00 6.43 3.90
C PRO A 12 -0.60 5.07 4.26
N TRP A 13 0.23 4.22 4.84
CA TRP A 13 -0.16 2.88 5.26
C TRP A 13 -1.01 2.93 6.53
N SER A 14 -1.83 1.90 6.73
CA SER A 14 -2.67 1.76 7.89
C SER A 14 -1.80 1.31 9.07
N ALA A 15 -2.44 1.16 10.21
CA ALA A 15 -1.82 0.70 11.43
C ALA A 15 -1.29 -0.70 11.17
N CYS A 16 0.03 -0.87 11.28
CA CYS A 16 0.72 -2.13 11.09
C CYS A 16 0.05 -3.23 11.89
N SER A 17 -0.27 -4.32 11.18
CA SER A 17 -0.92 -5.50 11.74
C SER A 17 -0.23 -5.95 13.02
N SER A 18 1.10 -5.99 13.02
CA SER A 18 1.85 -6.38 14.20
C SER A 18 2.01 -5.11 15.01
N SER A 19 1.31 -5.06 16.14
CA SER A 19 1.34 -3.94 17.07
C SER A 19 2.67 -3.90 17.83
N THR A 20 3.55 -4.89 17.65
CA THR A 20 4.86 -4.97 18.29
C THR A 20 5.95 -5.14 17.25
N CYS A 21 7.22 -5.11 17.68
CA CYS A 21 8.39 -5.25 16.82
C CYS A 21 8.36 -6.53 15.98
N GLU A 22 7.48 -7.48 16.29
CA GLU A 22 7.34 -8.71 15.53
C GLU A 22 6.94 -8.36 14.10
N LYS A 23 7.30 -9.21 13.14
CA LYS A 23 6.97 -8.98 11.75
C LYS A 23 5.47 -9.06 11.53
N GLY A 24 4.97 -8.27 10.60
CA GLY A 24 3.59 -8.20 10.19
C GLY A 24 3.50 -7.43 8.88
N LYS A 25 2.30 -7.08 8.45
CA LYS A 25 2.08 -6.34 7.20
C LYS A 25 1.34 -5.03 7.44
N ARG A 26 1.22 -4.26 6.36
CA ARG A 26 0.54 -2.99 6.25
C ARG A 26 -0.45 -3.09 5.09
N MET A 27 -1.47 -2.23 5.08
CA MET A 27 -2.53 -2.21 4.07
C MET A 27 -2.76 -0.78 3.59
N ARG A 28 -2.54 -0.47 2.31
CA ARG A 28 -2.74 0.88 1.74
C ARG A 28 -3.64 0.81 0.50
N GLN A 29 -4.29 1.92 0.15
CA GLN A 29 -5.18 2.02 -1.00
C GLN A 29 -5.15 3.42 -1.63
N ARG A 30 -5.34 3.51 -2.94
CA ARG A 30 -5.34 4.76 -3.71
C ARG A 30 -6.55 4.76 -4.62
N MET A 31 -6.92 5.92 -5.15
CA MET A 31 -8.07 6.11 -6.02
C MET A 31 -7.61 6.25 -7.47
N LEU A 32 -8.41 5.67 -8.38
CA LEU A 32 -8.16 5.69 -9.81
C LEU A 32 -8.57 7.07 -10.33
N LYS A 33 -7.67 7.75 -11.04
CA LYS A 33 -7.90 9.08 -11.62
C LYS A 33 -8.31 9.00 -13.10
N ALA A 34 -7.76 8.07 -13.87
CA ALA A 34 -8.05 7.83 -15.28
C ALA A 34 -7.55 6.42 -15.64
N GLN A 35 -7.96 5.88 -16.78
CA GLN A 35 -7.58 4.55 -17.27
C GLN A 35 -7.63 4.59 -18.79
N LEU A 36 -6.73 3.85 -19.44
CA LEU A 36 -6.65 3.77 -20.90
C LEU A 36 -7.86 3.06 -21.47
N ASP A 37 -8.32 2.03 -20.75
CA ASP A 37 -9.44 1.19 -21.15
C ASP A 37 -10.58 1.34 -20.15
N LEU A 38 -11.59 2.13 -20.49
CA LEU A 38 -12.73 2.35 -19.59
C LEU A 38 -13.49 1.04 -19.35
N SER A 39 -13.37 0.05 -20.24
CA SER A 39 -14.04 -1.24 -20.11
C SER A 39 -13.23 -2.22 -19.28
N VAL A 40 -12.06 -1.84 -18.75
CA VAL A 40 -11.23 -2.72 -17.94
C VAL A 40 -10.81 -1.90 -16.73
N PRO A 41 -11.51 -2.07 -15.57
CA PRO A 41 -11.15 -1.33 -14.38
C PRO A 41 -9.79 -1.77 -13.86
N CYS A 42 -9.32 -1.01 -12.88
CA CYS A 42 -8.03 -1.22 -12.26
C CYS A 42 -8.10 -1.69 -10.82
N PRO A 43 -8.06 -3.00 -10.53
CA PRO A 43 -8.07 -3.53 -9.17
C PRO A 43 -6.77 -3.20 -8.41
N ASP A 44 -5.79 -2.53 -9.03
CA ASP A 44 -4.49 -2.09 -8.48
C ASP A 44 -4.70 -0.91 -7.50
N THR A 45 -5.86 -0.84 -6.88
CA THR A 45 -6.29 0.16 -5.92
C THR A 45 -5.78 -0.12 -4.52
N GLN A 46 -5.21 -1.30 -4.25
CA GLN A 46 -4.69 -1.68 -2.94
C GLN A 46 -3.32 -2.35 -3.10
N ASP A 47 -2.49 -2.22 -2.07
CA ASP A 47 -1.13 -2.77 -2.00
C ASP A 47 -0.82 -3.20 -0.56
N PHE A 48 0.16 -4.10 -0.37
CA PHE A 48 0.58 -4.63 0.94
C PHE A 48 2.09 -4.81 1.03
N GLN A 49 2.70 -4.29 2.09
CA GLN A 49 4.14 -4.39 2.36
C GLN A 49 4.36 -4.80 3.81
N PRO A 50 5.58 -5.22 4.20
CA PRO A 50 5.86 -5.66 5.55
C PRO A 50 6.14 -4.48 6.51
N CYS A 51 5.98 -4.78 7.79
CA CYS A 51 6.20 -3.86 8.90
C CYS A 51 6.68 -4.59 10.16
N MET A 52 7.05 -3.77 11.13
CA MET A 52 7.52 -4.03 12.47
C MET A 52 6.83 -2.90 13.26
N GLY A 53 6.40 -3.17 14.48
CA GLY A 53 5.68 -2.25 15.36
C GLY A 53 6.18 -0.81 15.49
N PRO A 54 5.33 0.04 16.09
CA PRO A 54 5.63 1.46 16.31
C PRO A 54 6.80 1.58 17.28
N GLY A 55 7.82 2.33 16.89
CA GLY A 55 9.01 2.55 17.70
C GLY A 55 10.06 1.46 17.52
N CYS A 56 9.91 0.57 16.53
CA CYS A 56 10.84 -0.51 16.24
C CYS A 56 11.61 -0.16 14.96
N SER A 57 12.73 -0.85 14.71
CA SER A 57 13.60 -0.66 13.56
C SER A 57 14.43 0.62 13.77
N ASP A 58 14.87 0.83 15.01
CA ASP A 58 15.65 1.96 15.53
C ASP A 58 17.12 1.97 15.06
N GLU A 59 17.45 1.22 14.00
CA GLU A 59 18.77 1.08 13.39
C GLU A 59 19.77 0.43 14.35
N ASP A 60 19.36 -0.68 14.97
CA ASP A 60 20.13 -1.49 15.93
C ASP A 60 20.52 -0.72 17.21
N GLY A 61 20.19 0.57 17.31
CA GLY A 61 20.47 1.45 18.42
C GLY A 61 19.20 1.70 19.19
N GLY A 1 -1.08 -4.98 -15.65
CA GLY A 1 0.04 -4.04 -15.74
C GLY A 1 -0.48 -2.63 -15.63
N SER A 2 0.18 -1.78 -14.86
CA SER A 2 -0.23 -0.38 -14.66
C SER A 2 -0.14 0.48 -15.93
N GLU A 3 0.35 -0.07 -17.03
CA GLU A 3 0.48 0.63 -18.30
C GLU A 3 -0.87 1.15 -18.83
N THR A 4 -1.96 0.50 -18.47
CA THR A 4 -3.32 0.83 -18.85
C THR A 4 -4.08 1.46 -17.68
N CYS A 5 -3.38 1.95 -16.64
CA CYS A 5 -4.03 2.51 -15.45
C CYS A 5 -3.27 3.70 -14.81
N ILE A 6 -3.96 4.79 -14.46
CA ILE A 6 -3.38 5.98 -13.81
C ILE A 6 -4.04 6.08 -12.42
N TYR A 7 -3.28 5.89 -11.35
CA TYR A 7 -3.78 6.00 -9.99
C TYR A 7 -3.18 7.26 -9.39
N SER A 8 -3.79 7.79 -8.32
CA SER A 8 -3.26 8.96 -7.64
C SER A 8 -2.13 8.51 -6.71
N ASN A 9 -1.59 9.41 -5.88
CA ASN A 9 -0.53 9.06 -4.94
C ASN A 9 -1.13 8.11 -3.92
N TRP A 10 -0.41 7.05 -3.58
CA TRP A 10 -0.84 6.07 -2.59
C TRP A 10 -1.27 6.74 -1.28
N SER A 11 -2.29 6.19 -0.62
CA SER A 11 -2.67 6.75 0.66
C SER A 11 -1.59 6.33 1.66
N PRO A 12 -1.37 7.10 2.74
CA PRO A 12 -0.37 6.73 3.72
C PRO A 12 -0.83 5.42 4.37
N TRP A 13 0.14 4.56 4.70
CA TRP A 13 -0.12 3.27 5.32
C TRP A 13 -1.00 3.40 6.56
N SER A 14 -1.95 2.47 6.71
CA SER A 14 -2.85 2.41 7.84
C SER A 14 -2.12 1.73 9.01
N ALA A 15 -2.87 1.20 9.98
CA ALA A 15 -2.31 0.53 11.13
C ALA A 15 -1.53 -0.71 10.66
N CYS A 16 -0.34 -0.91 11.21
CA CYS A 16 0.46 -2.07 10.87
C CYS A 16 -0.18 -3.26 11.56
N SER A 17 -0.27 -4.40 10.88
CA SER A 17 -0.86 -5.63 11.43
C SER A 17 -0.09 -6.05 12.70
N SER A 18 1.19 -5.70 12.79
CA SER A 18 2.00 -5.99 13.95
C SER A 18 2.02 -4.73 14.80
N SER A 19 2.07 -4.95 16.11
CA SER A 19 2.12 -3.91 17.12
C SER A 19 3.23 -4.24 18.14
N THR A 20 4.04 -5.25 17.86
CA THR A 20 5.16 -5.72 18.65
C THR A 20 6.38 -5.82 17.72
N CYS A 21 7.50 -6.35 18.20
CA CYS A 21 8.70 -6.47 17.37
C CYS A 21 8.59 -7.57 16.29
N GLU A 22 7.42 -8.20 16.19
CA GLU A 22 7.11 -9.24 15.23
C GLU A 22 7.00 -8.54 13.86
N LYS A 23 7.31 -9.28 12.79
CA LYS A 23 7.19 -8.76 11.44
C LYS A 23 5.71 -8.80 11.11
N GLY A 24 5.24 -7.84 10.35
CA GLY A 24 3.87 -7.67 9.94
C GLY A 24 3.84 -7.00 8.59
N LYS A 25 2.75 -6.33 8.29
CA LYS A 25 2.51 -5.58 7.05
C LYS A 25 1.42 -4.56 7.30
N ARG A 26 1.28 -3.57 6.43
CA ARG A 26 0.27 -2.53 6.51
C ARG A 26 -0.58 -2.61 5.24
N MET A 27 -1.67 -1.85 5.21
CA MET A 27 -2.57 -1.79 4.08
C MET A 27 -2.66 -0.33 3.65
N ARG A 28 -2.82 -0.11 2.34
CA ARG A 28 -2.98 1.23 1.78
C ARG A 28 -3.81 1.04 0.52
N GLN A 29 -4.48 2.11 0.10
CA GLN A 29 -5.30 2.10 -1.09
C GLN A 29 -5.11 3.46 -1.78
N ARG A 30 -5.47 3.55 -3.05
CA ARG A 30 -5.34 4.76 -3.84
C ARG A 30 -6.58 4.96 -4.69
N MET A 31 -6.82 6.20 -5.10
CA MET A 31 -7.97 6.56 -5.92
C MET A 31 -7.55 6.56 -7.37
N LEU A 32 -8.28 5.81 -8.18
CA LEU A 32 -8.07 5.69 -9.62
C LEU A 32 -8.26 7.08 -10.21
N LYS A 33 -7.24 7.62 -10.89
CA LYS A 33 -7.29 8.94 -11.54
C LYS A 33 -8.01 8.74 -12.86
N ALA A 34 -7.48 7.85 -13.69
CA ALA A 34 -8.02 7.49 -14.99
C ALA A 34 -7.58 6.08 -15.33
N GLN A 35 -8.22 5.47 -16.32
CA GLN A 35 -7.94 4.12 -16.82
C GLN A 35 -7.78 4.32 -18.32
N LEU A 36 -6.74 3.75 -18.91
CA LEU A 36 -6.49 3.90 -20.34
C LEU A 36 -7.49 3.09 -21.16
N ASP A 37 -8.17 2.12 -20.54
CA ASP A 37 -9.17 1.28 -21.16
C ASP A 37 -10.38 1.39 -20.25
N LEU A 38 -11.39 2.13 -20.69
CA LEU A 38 -12.63 2.36 -19.95
C LEU A 38 -13.46 1.10 -19.80
N SER A 39 -13.14 0.02 -20.50
CA SER A 39 -13.88 -1.24 -20.45
C SER A 39 -13.28 -2.24 -19.46
N VAL A 40 -12.06 -2.00 -18.99
CA VAL A 40 -11.35 -2.87 -18.06
C VAL A 40 -10.96 -2.02 -16.85
N PRO A 41 -11.54 -2.25 -15.66
CA PRO A 41 -11.23 -1.48 -14.47
C PRO A 41 -9.81 -1.79 -13.99
N CYS A 42 -9.33 -0.98 -13.05
CA CYS A 42 -8.00 -1.12 -12.47
C CYS A 42 -8.13 -1.44 -10.97
N PRO A 43 -8.35 -2.71 -10.59
CA PRO A 43 -8.50 -3.14 -9.20
C PRO A 43 -7.23 -3.01 -8.34
N ASP A 44 -6.08 -2.68 -8.93
CA ASP A 44 -4.76 -2.51 -8.28
C ASP A 44 -4.69 -1.29 -7.36
N THR A 45 -5.84 -0.79 -6.93
CA THR A 45 -6.03 0.35 -6.04
C THR A 45 -5.67 0.03 -4.59
N GLN A 46 -5.13 -1.15 -4.27
CA GLN A 46 -4.76 -1.56 -2.91
C GLN A 46 -3.42 -2.28 -2.93
N ASP A 47 -2.59 -2.03 -1.90
CA ASP A 47 -1.26 -2.64 -1.73
C ASP A 47 -1.03 -2.98 -0.27
N PHE A 48 -0.11 -3.91 -0.04
CA PHE A 48 0.31 -4.44 1.24
C PHE A 48 1.81 -4.68 1.13
N GLN A 49 2.56 -4.08 2.05
CA GLN A 49 4.02 -4.18 2.16
C GLN A 49 4.32 -4.47 3.63
N PRO A 50 5.49 -5.08 3.96
CA PRO A 50 5.85 -5.43 5.33
C PRO A 50 6.02 -4.25 6.30
N CYS A 51 5.86 -4.53 7.60
CA CYS A 51 5.96 -3.60 8.72
C CYS A 51 6.37 -4.37 9.98
N MET A 52 6.31 -3.72 11.13
CA MET A 52 6.60 -4.17 12.49
C MET A 52 5.75 -3.28 13.39
N GLY A 53 5.81 -3.48 14.70
CA GLY A 53 5.09 -2.66 15.65
C GLY A 53 5.78 -1.31 15.83
N PRO A 54 5.03 -0.25 16.22
CA PRO A 54 5.57 1.08 16.42
C PRO A 54 6.43 1.01 17.69
N GLY A 55 7.70 1.34 17.56
CA GLY A 55 8.69 1.33 18.64
C GLY A 55 9.76 0.28 18.37
N CYS A 56 9.44 -0.73 17.57
CA CYS A 56 10.37 -1.80 17.19
C CYS A 56 11.04 -1.44 15.87
N SER A 57 10.32 -0.77 14.98
CA SER A 57 10.87 -0.34 13.72
C SER A 57 11.71 0.91 14.01
N ASP A 58 12.52 1.36 13.05
CA ASP A 58 13.39 2.53 13.17
C ASP A 58 14.39 2.35 14.32
N GLU A 59 14.68 1.09 14.67
CA GLU A 59 15.60 0.71 15.73
C GLU A 59 17.04 0.75 15.24
N ASP A 60 17.30 0.06 14.13
CA ASP A 60 18.58 -0.11 13.44
C ASP A 60 19.66 -0.84 14.22
N GLY A 61 19.38 -1.23 15.48
CA GLY A 61 20.28 -1.96 16.36
C GLY A 61 20.09 -3.46 16.23
N GLY A 1 0.39 -2.55 -13.81
CA GLY A 1 1.10 -1.35 -13.36
C GLY A 1 0.28 -0.12 -13.65
N SER A 2 0.84 0.83 -14.41
CA SER A 2 0.19 2.09 -14.78
C SER A 2 0.35 2.38 -16.29
N GLU A 3 0.42 1.33 -17.11
CA GLU A 3 0.55 1.41 -18.56
C GLU A 3 -0.81 1.65 -19.20
N THR A 4 -1.88 1.11 -18.61
CA THR A 4 -3.27 1.24 -19.03
C THR A 4 -4.10 1.87 -17.90
N CYS A 5 -3.50 2.10 -16.73
CA CYS A 5 -4.14 2.67 -15.56
C CYS A 5 -3.42 3.95 -15.11
N ILE A 6 -4.16 4.88 -14.52
CA ILE A 6 -3.66 6.15 -14.02
C ILE A 6 -4.25 6.30 -12.63
N TYR A 7 -3.48 6.01 -11.59
CA TYR A 7 -3.97 6.14 -10.22
C TYR A 7 -3.46 7.45 -9.60
N SER A 8 -3.98 7.79 -8.43
CA SER A 8 -3.60 8.96 -7.63
C SER A 8 -2.39 8.62 -6.74
N ASN A 9 -1.94 9.56 -5.92
CA ASN A 9 -0.82 9.33 -5.00
C ASN A 9 -1.31 8.41 -3.89
N TRP A 10 -0.51 7.41 -3.52
CA TRP A 10 -0.85 6.46 -2.47
C TRP A 10 -1.11 7.18 -1.15
N SER A 11 -2.25 6.89 -0.52
CA SER A 11 -2.53 7.49 0.77
C SER A 11 -1.54 6.83 1.75
N PRO A 12 -1.27 7.44 2.90
CA PRO A 12 -0.31 6.91 3.84
C PRO A 12 -0.74 5.55 4.39
N TRP A 13 0.29 4.78 4.78
CA TRP A 13 0.12 3.46 5.35
C TRP A 13 -0.67 3.57 6.64
N SER A 14 -1.60 2.65 6.83
CA SER A 14 -2.40 2.59 8.05
C SER A 14 -1.49 1.90 9.08
N ALA A 15 -2.09 1.54 10.21
CA ALA A 15 -1.39 0.87 11.28
C ALA A 15 -0.84 -0.48 10.84
N CYS A 16 0.32 -0.85 11.39
CA CYS A 16 0.97 -2.12 11.12
C CYS A 16 0.08 -3.20 11.69
N SER A 17 -0.10 -4.27 10.93
CA SER A 17 -0.90 -5.41 11.37
C SER A 17 -0.23 -5.96 12.64
N SER A 18 1.10 -5.98 12.68
CA SER A 18 1.88 -6.42 13.82
C SER A 18 1.97 -5.28 14.80
N SER A 19 1.29 -5.43 15.93
CA SER A 19 1.27 -4.47 17.02
C SER A 19 2.55 -4.60 17.86
N THR A 20 3.35 -5.65 17.64
CA THR A 20 4.60 -5.97 18.29
C THR A 20 5.71 -5.94 17.25
N CYS A 21 6.97 -6.06 17.67
CA CYS A 21 8.13 -6.06 16.78
C CYS A 21 8.13 -7.26 15.81
N GLU A 22 7.22 -8.21 15.97
CA GLU A 22 7.09 -9.38 15.11
C GLU A 22 6.81 -8.91 13.68
N LYS A 23 7.14 -9.74 12.69
CA LYS A 23 6.91 -9.38 11.30
C LYS A 23 5.42 -9.40 10.98
N GLY A 24 5.02 -8.42 10.16
CA GLY A 24 3.66 -8.20 9.70
C GLY A 24 3.70 -7.37 8.44
N LYS A 25 2.58 -6.74 8.09
CA LYS A 25 2.43 -5.88 6.92
C LYS A 25 1.50 -4.73 7.25
N ARG A 26 1.62 -3.65 6.49
CA ARG A 26 0.77 -2.47 6.60
C ARG A 26 -0.23 -2.55 5.45
N MET A 27 -1.26 -1.73 5.48
CA MET A 27 -2.30 -1.67 4.45
C MET A 27 -2.45 -0.20 4.03
N ARG A 28 -2.61 0.09 2.74
CA ARG A 28 -2.79 1.44 2.19
C ARG A 28 -3.63 1.31 0.93
N GLN A 29 -4.35 2.37 0.56
CA GLN A 29 -5.16 2.35 -0.64
C GLN A 29 -5.01 3.67 -1.39
N ARG A 30 -5.49 3.70 -2.63
CA ARG A 30 -5.47 4.86 -3.50
C ARG A 30 -6.75 4.85 -4.34
N MET A 31 -6.82 5.66 -5.38
CA MET A 31 -7.97 5.77 -6.25
C MET A 31 -7.49 5.74 -7.71
N LEU A 32 -8.38 5.44 -8.65
CA LEU A 32 -8.15 5.37 -10.08
C LEU A 32 -8.62 6.68 -10.72
N LYS A 33 -7.68 7.56 -11.04
CA LYS A 33 -7.91 8.87 -11.66
C LYS A 33 -8.47 8.65 -13.07
N ALA A 34 -7.78 7.84 -13.88
CA ALA A 34 -8.17 7.54 -15.26
C ALA A 34 -7.63 6.18 -15.66
N GLN A 35 -8.04 5.69 -16.84
CA GLN A 35 -7.62 4.42 -17.41
C GLN A 35 -7.73 4.54 -18.92
N LEU A 36 -6.78 3.97 -19.66
CA LEU A 36 -6.71 3.93 -21.12
C LEU A 36 -7.68 2.89 -21.67
N ASP A 37 -8.16 1.99 -20.81
CA ASP A 37 -9.05 0.91 -21.15
C ASP A 37 -10.25 0.97 -20.22
N LEU A 38 -11.27 1.72 -20.62
CA LEU A 38 -12.50 1.86 -19.82
C LEU A 38 -13.14 0.48 -19.60
N SER A 39 -12.97 -0.45 -20.54
CA SER A 39 -13.52 -1.80 -20.44
C SER A 39 -12.80 -2.68 -19.42
N VAL A 40 -11.72 -2.21 -18.79
CA VAL A 40 -10.97 -2.97 -17.81
C VAL A 40 -10.65 -2.06 -16.63
N PRO A 41 -11.43 -2.09 -15.54
CA PRO A 41 -11.14 -1.27 -14.37
C PRO A 41 -9.81 -1.73 -13.78
N CYS A 42 -9.23 -0.87 -12.95
CA CYS A 42 -7.96 -1.13 -12.32
C CYS A 42 -8.08 -1.26 -10.79
N PRO A 43 -8.48 -2.43 -10.27
CA PRO A 43 -8.63 -2.70 -8.84
C PRO A 43 -7.33 -2.75 -8.05
N ASP A 44 -6.20 -2.38 -8.65
CA ASP A 44 -4.89 -2.37 -7.99
C ASP A 44 -4.73 -1.19 -7.03
N THR A 45 -5.82 -0.55 -6.58
CA THR A 45 -5.79 0.58 -5.67
C THR A 45 -5.58 0.18 -4.21
N GLN A 46 -5.07 -1.03 -3.96
CA GLN A 46 -4.79 -1.61 -2.66
C GLN A 46 -3.37 -2.17 -2.66
N ASP A 47 -2.61 -1.92 -1.60
CA ASP A 47 -1.24 -2.42 -1.47
C ASP A 47 -0.94 -2.85 -0.04
N PHE A 48 -0.01 -3.78 0.11
CA PHE A 48 0.39 -4.32 1.40
C PHE A 48 1.89 -4.50 1.34
N GLN A 49 2.63 -3.97 2.30
CA GLN A 49 4.10 -4.10 2.34
C GLN A 49 4.52 -4.50 3.75
N PRO A 50 5.61 -5.27 3.89
CA PRO A 50 6.09 -5.75 5.18
C PRO A 50 6.43 -4.62 6.14
N CYS A 51 6.34 -4.93 7.43
CA CYS A 51 6.62 -4.02 8.51
C CYS A 51 6.84 -4.80 9.81
N MET A 52 7.08 -4.05 10.88
CA MET A 52 7.30 -4.47 12.25
C MET A 52 6.64 -3.39 13.09
N GLY A 53 6.15 -3.74 14.28
CA GLY A 53 5.49 -2.80 15.18
C GLY A 53 6.44 -1.80 15.86
N PRO A 54 5.93 -1.05 16.85
CA PRO A 54 6.70 -0.05 17.58
C PRO A 54 7.91 -0.65 18.30
N GLY A 55 8.86 0.22 18.66
CA GLY A 55 10.11 -0.10 19.33
C GLY A 55 11.04 -0.99 18.50
N CYS A 56 10.57 -1.52 17.37
CA CYS A 56 11.31 -2.37 16.45
C CYS A 56 11.98 -1.54 15.37
N SER A 57 11.55 -0.30 15.17
CA SER A 57 12.09 0.61 14.18
C SER A 57 12.57 1.83 14.95
N ASP A 58 13.68 1.68 15.67
CA ASP A 58 14.29 2.78 16.43
C ASP A 58 14.83 3.87 15.48
N GLU A 59 14.66 3.65 14.16
CA GLU A 59 15.00 4.47 13.01
C GLU A 59 14.40 5.88 13.17
N ASP A 60 13.28 5.97 13.90
CA ASP A 60 12.57 7.21 14.17
C ASP A 60 12.84 7.73 15.57
N GLY A 61 13.50 6.96 16.44
CA GLY A 61 13.81 7.32 17.82
C GLY A 61 12.84 6.63 18.76
N GLY A 1 0.18 -3.82 -13.79
CA GLY A 1 0.10 -3.02 -15.01
C GLY A 1 -0.39 -1.64 -14.68
N SER A 2 0.51 -0.65 -14.72
CA SER A 2 0.22 0.74 -14.42
C SER A 2 0.36 1.60 -15.68
N GLU A 3 0.48 0.98 -16.86
CA GLU A 3 0.56 1.73 -18.10
C GLU A 3 -0.85 2.17 -18.47
N THR A 4 -1.82 1.26 -18.41
CA THR A 4 -3.20 1.50 -18.74
C THR A 4 -4.04 1.97 -17.55
N CYS A 5 -3.43 2.19 -16.38
CA CYS A 5 -4.07 2.61 -15.15
C CYS A 5 -3.21 3.68 -14.50
N ILE A 6 -3.75 4.89 -14.41
CA ILE A 6 -3.12 6.06 -13.84
C ILE A 6 -3.84 6.29 -12.52
N TYR A 7 -3.24 5.83 -11.42
CA TYR A 7 -3.82 5.97 -10.10
C TYR A 7 -3.28 7.22 -9.40
N SER A 8 -3.97 7.67 -8.35
CA SER A 8 -3.60 8.82 -7.53
C SER A 8 -2.41 8.43 -6.63
N ASN A 9 -1.95 9.35 -5.78
CA ASN A 9 -0.83 9.02 -4.89
C ASN A 9 -1.32 8.07 -3.80
N TRP A 10 -0.46 7.15 -3.36
CA TRP A 10 -0.79 6.17 -2.34
C TRP A 10 -1.22 6.84 -1.03
N SER A 11 -2.31 6.37 -0.43
CA SER A 11 -2.79 6.88 0.86
C SER A 11 -1.80 6.48 1.94
N PRO A 12 -1.82 7.12 3.12
CA PRO A 12 -0.91 6.77 4.19
C PRO A 12 -1.18 5.34 4.63
N TRP A 13 -0.12 4.62 5.01
CA TRP A 13 -0.22 3.27 5.47
C TRP A 13 -1.09 3.21 6.72
N SER A 14 -1.91 2.18 6.85
CA SER A 14 -2.74 1.98 8.00
C SER A 14 -1.84 1.52 9.14
N ALA A 15 -2.45 1.24 10.28
CA ALA A 15 -1.72 0.74 11.43
C ALA A 15 -1.01 -0.55 11.04
N CYS A 16 0.16 -0.77 11.64
CA CYS A 16 0.92 -1.97 11.37
C CYS A 16 0.19 -3.15 11.99
N SER A 17 -0.11 -4.19 11.20
CA SER A 17 -0.78 -5.41 11.66
C SER A 17 0.03 -6.03 12.83
N SER A 18 1.34 -5.71 12.94
CA SER A 18 2.17 -6.18 14.05
C SER A 18 2.47 -4.94 14.87
N SER A 19 1.89 -4.83 16.07
CA SER A 19 2.16 -3.71 16.95
C SER A 19 3.43 -4.04 17.76
N THR A 20 4.16 -5.09 17.41
CA THR A 20 5.38 -5.59 18.03
C THR A 20 6.45 -5.71 16.96
N CYS A 21 7.72 -5.89 17.34
CA CYS A 21 8.82 -6.01 16.39
C CYS A 21 8.70 -7.24 15.50
N GLU A 22 7.74 -8.13 15.78
CA GLU A 22 7.47 -9.30 14.98
C GLU A 22 7.06 -8.78 13.60
N LYS A 23 7.24 -9.58 12.56
CA LYS A 23 6.86 -9.13 11.24
C LYS A 23 5.35 -8.97 11.17
N GLY A 24 4.93 -7.99 10.38
CA GLY A 24 3.55 -7.63 10.15
C GLY A 24 3.42 -7.03 8.78
N LYS A 25 2.26 -6.42 8.53
CA LYS A 25 1.94 -5.77 7.27
C LYS A 25 1.02 -4.59 7.49
N ARG A 26 1.16 -3.58 6.66
CA ARG A 26 0.30 -2.40 6.68
C ARG A 26 -0.59 -2.55 5.45
N MET A 27 -1.64 -1.74 5.34
CA MET A 27 -2.59 -1.77 4.23
C MET A 27 -2.75 -0.32 3.75
N ARG A 28 -2.83 -0.11 2.43
CA ARG A 28 -3.02 1.22 1.86
C ARG A 28 -3.79 1.05 0.56
N GLN A 29 -4.44 2.11 0.12
CA GLN A 29 -5.20 2.11 -1.12
C GLN A 29 -5.10 3.50 -1.74
N ARG A 30 -5.52 3.59 -2.98
CA ARG A 30 -5.54 4.82 -3.77
C ARG A 30 -6.73 4.76 -4.71
N MET A 31 -7.01 5.90 -5.35
CA MET A 31 -8.09 6.06 -6.30
C MET A 31 -7.51 5.95 -7.70
N LEU A 32 -8.37 5.68 -8.68
CA LEU A 32 -8.00 5.55 -10.07
C LEU A 32 -8.32 6.91 -10.71
N LYS A 33 -7.28 7.66 -11.12
CA LYS A 33 -7.45 8.97 -11.74
C LYS A 33 -7.89 8.83 -13.19
N ALA A 34 -7.21 8.00 -13.97
CA ALA A 34 -7.51 7.75 -15.37
C ALA A 34 -7.12 6.32 -15.72
N GLN A 35 -7.69 5.79 -16.80
CA GLN A 35 -7.42 4.45 -17.31
C GLN A 35 -7.46 4.56 -18.83
N LEU A 36 -6.53 3.90 -19.51
CA LEU A 36 -6.46 3.92 -20.98
C LEU A 36 -7.41 2.91 -21.60
N ASP A 37 -8.14 2.19 -20.75
CA ASP A 37 -9.13 1.21 -21.12
C ASP A 37 -10.33 1.36 -20.20
N LEU A 38 -11.32 2.16 -20.61
CA LEU A 38 -12.53 2.40 -19.81
C LEU A 38 -13.36 1.12 -19.59
N SER A 39 -13.09 0.04 -20.33
CA SER A 39 -13.79 -1.23 -20.23
C SER A 39 -13.07 -2.23 -19.31
N VAL A 40 -11.88 -1.90 -18.85
CA VAL A 40 -11.08 -2.76 -18.00
C VAL A 40 -10.72 -1.92 -16.78
N PRO A 41 -11.45 -2.05 -15.67
CA PRO A 41 -11.17 -1.28 -14.49
C PRO A 41 -9.80 -1.62 -13.92
N CYS A 42 -9.40 -0.83 -12.93
CA CYS A 42 -8.13 -0.98 -12.27
C CYS A 42 -8.30 -1.41 -10.80
N PRO A 43 -8.43 -2.74 -10.53
CA PRO A 43 -8.58 -3.29 -9.19
C PRO A 43 -7.29 -3.28 -8.35
N ASP A 44 -6.14 -2.89 -8.91
CA ASP A 44 -4.85 -2.87 -8.18
C ASP A 44 -4.78 -1.75 -7.16
N THR A 45 -5.86 -1.00 -6.95
CA THR A 45 -6.07 0.13 -6.07
C THR A 45 -5.70 -0.06 -4.60
N GLN A 46 -5.25 -1.24 -4.19
CA GLN A 46 -4.86 -1.58 -2.84
C GLN A 46 -3.48 -2.26 -2.83
N ASP A 47 -2.72 -2.07 -1.75
CA ASP A 47 -1.36 -2.62 -1.54
C ASP A 47 -1.16 -2.99 -0.07
N PHE A 48 -0.30 -3.97 0.19
CA PHE A 48 0.04 -4.48 1.52
C PHE A 48 1.53 -4.77 1.56
N GLN A 49 2.33 -3.89 2.17
CA GLN A 49 3.77 -4.08 2.26
C GLN A 49 4.15 -4.55 3.65
N PRO A 50 5.34 -5.17 3.81
CA PRO A 50 5.81 -5.65 5.10
C PRO A 50 5.95 -4.47 6.07
N CYS A 51 5.91 -4.78 7.35
CA CYS A 51 6.01 -3.84 8.45
C CYS A 51 6.50 -4.57 9.70
N MET A 52 6.76 -3.81 10.76
CA MET A 52 7.19 -4.18 12.10
C MET A 52 6.62 -3.10 13.04
N GLY A 53 6.58 -3.39 14.33
CA GLY A 53 6.06 -2.52 15.38
C GLY A 53 6.76 -1.16 15.48
N PRO A 54 6.26 -0.25 16.34
CA PRO A 54 6.84 1.07 16.52
C PRO A 54 8.24 0.95 17.15
N GLY A 55 9.12 1.86 16.76
CA GLY A 55 10.50 1.93 17.21
C GLY A 55 11.40 0.81 16.69
N CYS A 56 10.84 -0.28 16.17
CA CYS A 56 11.61 -1.39 15.65
C CYS A 56 12.31 -0.94 14.36
N SER A 57 13.21 -1.76 13.82
CA SER A 57 13.96 -1.45 12.60
C SER A 57 14.93 -0.27 12.81
N ASP A 58 15.31 0.03 14.06
CA ASP A 58 16.23 1.10 14.45
C ASP A 58 17.68 0.65 14.23
N GLU A 59 17.91 -0.12 13.16
CA GLU A 59 19.19 -0.66 12.73
C GLU A 59 20.06 0.53 12.32
N ASP A 60 21.38 0.42 12.50
CA ASP A 60 22.30 1.49 12.18
C ASP A 60 22.78 1.46 10.73
N GLY A 61 21.85 1.68 9.80
CA GLY A 61 22.13 1.70 8.37
C GLY A 61 22.24 0.27 7.89
N GLY A 1 2.99 0.22 -12.82
CA GLY A 1 1.58 -0.16 -12.94
C GLY A 1 1.20 -0.31 -14.40
N SER A 2 -0.05 -0.70 -14.65
CA SER A 2 -0.57 -0.91 -15.98
C SER A 2 -0.47 0.39 -16.78
N GLU A 3 0.14 0.34 -17.96
CA GLU A 3 0.29 1.52 -18.81
C GLU A 3 -1.08 2.06 -19.25
N THR A 4 -2.09 1.19 -19.28
CA THR A 4 -3.47 1.47 -19.63
C THR A 4 -4.20 2.14 -18.46
N CYS A 5 -3.54 2.35 -17.32
CA CYS A 5 -4.10 2.94 -16.12
C CYS A 5 -3.33 4.18 -15.65
N ILE A 6 -3.99 5.03 -14.86
CA ILE A 6 -3.51 6.28 -14.27
C ILE A 6 -4.16 6.36 -12.88
N TYR A 7 -3.39 6.05 -11.84
CA TYR A 7 -3.85 6.06 -10.45
C TYR A 7 -3.23 7.24 -9.70
N SER A 8 -3.85 7.58 -8.57
CA SER A 8 -3.46 8.64 -7.66
C SER A 8 -2.27 8.15 -6.83
N ASN A 9 -1.63 9.06 -6.10
CA ASN A 9 -0.49 8.76 -5.26
C ASN A 9 -0.91 7.77 -4.15
N TRP A 10 0.04 6.96 -3.69
CA TRP A 10 -0.22 5.99 -2.65
C TRP A 10 -0.47 6.71 -1.33
N SER A 11 -1.64 6.49 -0.73
CA SER A 11 -2.01 7.07 0.55
C SER A 11 -1.10 6.47 1.65
N PRO A 12 -1.07 7.05 2.86
CA PRO A 12 -0.25 6.53 3.94
C PRO A 12 -0.71 5.13 4.37
N TRP A 13 0.16 4.43 5.09
CA TRP A 13 -0.10 3.09 5.57
C TRP A 13 -1.04 3.10 6.77
N SER A 14 -1.87 2.06 6.88
CA SER A 14 -2.79 1.89 7.99
C SER A 14 -2.01 1.27 9.16
N ALA A 15 -2.73 0.91 10.21
CA ALA A 15 -2.18 0.27 11.39
C ALA A 15 -1.44 -1.01 11.02
N CYS A 16 -0.36 -1.31 11.73
CA CYS A 16 0.45 -2.49 11.53
C CYS A 16 -0.31 -3.69 12.10
N SER A 17 -0.44 -4.78 11.33
CA SER A 17 -1.12 -5.98 11.83
C SER A 17 -0.39 -6.44 13.09
N SER A 18 0.95 -6.39 13.08
CA SER A 18 1.73 -6.75 14.25
C SER A 18 2.00 -5.44 14.96
N SER A 19 1.27 -5.21 16.04
CA SER A 19 1.38 -4.04 16.88
C SER A 19 2.66 -4.13 17.74
N THR A 20 3.46 -5.19 17.56
CA THR A 20 4.70 -5.53 18.22
C THR A 20 5.86 -5.44 17.22
N CYS A 21 7.08 -5.59 17.71
CA CYS A 21 8.31 -5.53 16.95
C CYS A 21 8.43 -6.63 15.90
N GLU A 22 7.61 -7.70 15.94
CA GLU A 22 7.75 -8.73 14.92
C GLU A 22 7.31 -8.15 13.56
N LYS A 23 7.78 -8.76 12.48
CA LYS A 23 7.46 -8.29 11.14
C LYS A 23 5.98 -8.46 10.88
N GLY A 24 5.29 -7.34 10.83
CA GLY A 24 3.86 -7.31 10.56
C GLY A 24 3.68 -6.86 9.13
N LYS A 25 2.46 -6.47 8.79
CA LYS A 25 2.07 -5.99 7.47
C LYS A 25 1.03 -4.89 7.62
N ARG A 26 1.16 -3.84 6.82
CA ARG A 26 0.23 -2.70 6.80
C ARG A 26 -0.53 -2.77 5.48
N MET A 27 -1.53 -1.92 5.31
CA MET A 27 -2.35 -1.84 4.11
C MET A 27 -2.42 -0.39 3.68
N ARG A 28 -2.47 -0.15 2.38
CA ARG A 28 -2.58 1.18 1.79
C ARG A 28 -3.43 1.01 0.54
N GLN A 29 -4.10 2.08 0.13
CA GLN A 29 -4.92 2.09 -1.05
C GLN A 29 -4.71 3.45 -1.71
N ARG A 30 -4.98 3.53 -3.00
CA ARG A 30 -4.89 4.74 -3.82
C ARG A 30 -6.17 4.82 -4.62
N MET A 31 -6.46 5.97 -5.23
CA MET A 31 -7.69 6.14 -6.00
C MET A 31 -7.38 6.11 -7.49
N LEU A 32 -8.32 5.65 -8.31
CA LEU A 32 -8.17 5.59 -9.76
C LEU A 32 -8.47 6.99 -10.30
N LYS A 33 -7.52 7.63 -10.97
CA LYS A 33 -7.71 8.98 -11.53
C LYS A 33 -8.42 8.90 -12.88
N ALA A 34 -7.84 8.19 -13.85
CA ALA A 34 -8.39 8.00 -15.20
C ALA A 34 -7.86 6.68 -15.73
N GLN A 35 -8.53 6.02 -16.67
CA GLN A 35 -8.11 4.75 -17.25
C GLN A 35 -8.17 4.89 -18.76
N LEU A 36 -7.24 4.29 -19.48
CA LEU A 36 -7.20 4.34 -20.93
C LEU A 36 -8.11 3.25 -21.50
N ASP A 37 -8.33 2.19 -20.73
CA ASP A 37 -9.14 1.02 -21.00
C ASP A 37 -10.46 1.14 -20.24
N LEU A 38 -11.37 1.98 -20.72
CA LEU A 38 -12.67 2.18 -20.06
C LEU A 38 -13.44 0.88 -19.84
N SER A 39 -13.21 -0.11 -20.70
CA SER A 39 -13.87 -1.39 -20.60
C SER A 39 -13.31 -2.31 -19.52
N VAL A 40 -12.18 -1.96 -18.89
CA VAL A 40 -11.55 -2.79 -17.88
C VAL A 40 -11.12 -1.91 -16.69
N PRO A 41 -11.65 -2.11 -15.48
CA PRO A 41 -11.26 -1.31 -14.34
C PRO A 41 -9.83 -1.66 -13.90
N CYS A 42 -9.26 -0.86 -13.01
CA CYS A 42 -7.91 -1.07 -12.49
C CYS A 42 -7.95 -1.25 -10.96
N PRO A 43 -8.46 -2.39 -10.45
CA PRO A 43 -8.59 -2.72 -9.02
C PRO A 43 -7.29 -2.85 -8.22
N ASP A 44 -6.12 -2.63 -8.82
CA ASP A 44 -4.80 -2.70 -8.16
C ASP A 44 -4.59 -1.51 -7.23
N THR A 45 -5.64 -0.78 -6.90
CA THR A 45 -5.72 0.38 -6.04
C THR A 45 -5.40 0.07 -4.58
N GLN A 46 -4.83 -1.08 -4.25
CA GLN A 46 -4.47 -1.50 -2.90
C GLN A 46 -3.13 -2.21 -2.91
N ASP A 47 -2.42 -2.16 -1.78
CA ASP A 47 -1.11 -2.81 -1.61
C ASP A 47 -0.84 -3.13 -0.13
N PHE A 48 -0.02 -4.16 0.16
CA PHE A 48 0.34 -4.62 1.50
C PHE A 48 1.83 -4.91 1.62
N GLN A 49 2.57 -4.13 2.42
CA GLN A 49 4.01 -4.30 2.65
C GLN A 49 4.31 -4.57 4.13
N PRO A 50 5.49 -5.15 4.43
CA PRO A 50 5.89 -5.46 5.79
C PRO A 50 6.06 -4.21 6.64
N CYS A 51 6.05 -4.39 7.97
CA CYS A 51 6.24 -3.32 8.93
C CYS A 51 6.80 -3.87 10.23
N MET A 52 7.05 -2.98 11.19
CA MET A 52 7.55 -3.27 12.53
C MET A 52 6.71 -2.38 13.43
N GLY A 53 6.13 -2.93 14.50
CA GLY A 53 5.33 -2.14 15.42
C GLY A 53 6.24 -1.20 16.22
N PRO A 54 5.68 -0.28 17.01
CA PRO A 54 6.44 0.66 17.81
C PRO A 54 7.22 -0.05 18.91
N GLY A 55 8.32 0.55 19.36
CA GLY A 55 9.17 -0.01 20.38
C GLY A 55 10.07 -1.11 19.82
N CYS A 56 10.27 -1.15 18.51
CA CYS A 56 11.10 -2.13 17.83
C CYS A 56 12.45 -1.46 17.60
N SER A 57 12.90 -1.38 16.34
CA SER A 57 14.15 -0.74 15.95
C SER A 57 13.84 0.46 15.06
N ASP A 58 14.86 1.25 14.76
CA ASP A 58 14.76 2.45 13.94
C ASP A 58 14.68 2.07 12.48
N GLU A 59 13.51 1.54 12.10
CA GLU A 59 13.07 1.09 10.78
C GLU A 59 14.11 0.40 9.88
N ASP A 60 15.10 -0.27 10.47
CA ASP A 60 16.21 -0.99 9.83
C ASP A 60 17.22 -0.01 9.19
N GLY A 61 17.07 1.28 9.40
CA GLY A 61 17.96 2.30 8.86
C GLY A 61 17.63 3.62 9.50
N GLY A 1 1.94 -4.83 -17.06
CA GLY A 1 2.12 -4.13 -15.78
C GLY A 1 0.99 -3.16 -15.49
N SER A 2 1.25 -2.17 -14.64
CA SER A 2 0.29 -1.14 -14.23
C SER A 2 0.20 0.05 -15.19
N GLU A 3 0.90 -0.01 -16.33
CA GLU A 3 0.96 1.04 -17.35
C GLU A 3 -0.37 1.52 -17.93
N THR A 4 -1.41 0.71 -17.86
CA THR A 4 -2.74 1.03 -18.38
C THR A 4 -3.64 1.64 -17.31
N CYS A 5 -3.11 1.93 -16.13
CA CYS A 5 -3.86 2.47 -15.00
C CYS A 5 -3.18 3.72 -14.45
N ILE A 6 -3.95 4.81 -14.34
CA ILE A 6 -3.45 6.08 -13.84
C ILE A 6 -4.13 6.28 -12.49
N TYR A 7 -3.54 5.75 -11.43
CA TYR A 7 -4.08 5.87 -10.09
C TYR A 7 -3.46 7.10 -9.40
N SER A 8 -3.98 7.43 -8.22
CA SER A 8 -3.47 8.52 -7.40
C SER A 8 -2.24 8.02 -6.63
N ASN A 9 -1.53 8.95 -5.98
CA ASN A 9 -0.36 8.62 -5.18
C ASN A 9 -0.85 7.85 -3.97
N TRP A 10 -0.23 6.70 -3.68
CA TRP A 10 -0.57 5.85 -2.56
C TRP A 10 -0.77 6.62 -1.28
N SER A 11 -1.96 6.47 -0.70
CA SER A 11 -2.35 7.08 0.56
C SER A 11 -1.46 6.49 1.67
N PRO A 12 -1.44 7.07 2.88
CA PRO A 12 -0.60 6.58 3.96
C PRO A 12 -1.13 5.23 4.45
N TRP A 13 -0.23 4.46 5.04
CA TRP A 13 -0.57 3.16 5.56
C TRP A 13 -1.54 3.33 6.74
N SER A 14 -2.31 2.30 7.02
CA SER A 14 -3.25 2.31 8.12
C SER A 14 -2.41 2.22 9.40
N ALA A 15 -1.93 1.02 9.66
CA ALA A 15 -1.08 0.64 10.77
C ALA A 15 -0.40 -0.67 10.39
N CYS A 16 0.67 -1.01 11.09
CA CYS A 16 1.39 -2.25 10.87
C CYS A 16 0.62 -3.26 11.70
N SER A 17 0.01 -4.26 11.05
CA SER A 17 -0.79 -5.30 11.68
C SER A 17 -0.07 -5.87 12.92
N SER A 18 1.26 -5.99 12.87
CA SER A 18 2.04 -6.43 14.00
C SER A 18 2.25 -5.14 14.78
N SER A 19 1.54 -4.95 15.88
CA SER A 19 1.65 -3.77 16.74
C SER A 19 2.96 -3.78 17.53
N THR A 20 3.76 -4.83 17.40
CA THR A 20 5.05 -5.02 18.06
C THR A 20 6.16 -5.16 17.03
N CYS A 21 7.42 -5.15 17.45
CA CYS A 21 8.62 -5.25 16.59
C CYS A 21 8.70 -6.51 15.72
N GLU A 22 7.68 -7.37 15.74
CA GLU A 22 7.59 -8.58 14.95
C GLU A 22 7.29 -8.21 13.49
N LYS A 23 7.58 -9.11 12.57
CA LYS A 23 7.32 -8.86 11.15
C LYS A 23 5.85 -9.11 10.83
N GLY A 24 5.18 -8.06 10.41
CA GLY A 24 3.78 -8.04 10.02
C GLY A 24 3.62 -7.33 8.69
N LYS A 25 2.39 -6.91 8.36
CA LYS A 25 2.06 -6.23 7.12
C LYS A 25 1.23 -4.99 7.37
N ARG A 26 1.18 -4.08 6.40
CA ARG A 26 0.36 -2.88 6.46
C ARG A 26 -0.61 -2.97 5.30
N MET A 27 -1.69 -2.20 5.39
CA MET A 27 -2.75 -2.11 4.42
C MET A 27 -2.88 -0.66 3.98
N ARG A 28 -2.78 -0.35 2.67
CA ARG A 28 -2.91 1.01 2.11
C ARG A 28 -3.81 0.96 0.89
N GLN A 29 -4.32 2.12 0.47
CA GLN A 29 -5.16 2.24 -0.70
C GLN A 29 -4.83 3.52 -1.45
N ARG A 30 -5.52 3.70 -2.56
CA ARG A 30 -5.45 4.83 -3.48
C ARG A 30 -6.83 4.92 -4.18
N MET A 31 -6.93 5.77 -5.19
CA MET A 31 -8.10 6.01 -6.00
C MET A 31 -7.67 5.92 -7.47
N LEU A 32 -8.56 5.45 -8.35
CA LEU A 32 -8.26 5.34 -9.78
C LEU A 32 -8.62 6.72 -10.36
N LYS A 33 -7.62 7.47 -10.83
CA LYS A 33 -7.81 8.80 -11.41
C LYS A 33 -8.27 8.71 -12.87
N ALA A 34 -7.62 7.85 -13.66
CA ALA A 34 -7.91 7.59 -15.06
C ALA A 34 -7.36 6.21 -15.40
N GLN A 35 -7.68 5.69 -16.58
CA GLN A 35 -7.23 4.40 -17.07
C GLN A 35 -7.12 4.52 -18.59
N LEU A 36 -6.18 3.79 -19.18
CA LEU A 36 -5.99 3.84 -20.63
C LEU A 36 -7.04 3.02 -21.35
N ASP A 37 -7.68 2.07 -20.67
CA ASP A 37 -8.72 1.20 -21.20
C ASP A 37 -9.95 1.40 -20.33
N LEU A 38 -10.95 2.16 -20.79
CA LEU A 38 -12.16 2.40 -19.98
C LEU A 38 -12.97 1.13 -19.74
N SER A 39 -12.90 0.16 -20.65
CA SER A 39 -13.63 -1.09 -20.53
C SER A 39 -13.02 -2.03 -19.50
N VAL A 40 -11.74 -1.89 -19.20
CA VAL A 40 -11.04 -2.73 -18.26
C VAL A 40 -10.69 -1.88 -17.04
N PRO A 41 -11.38 -2.05 -15.90
CA PRO A 41 -11.10 -1.27 -14.71
C PRO A 41 -9.74 -1.61 -14.13
N CYS A 42 -9.32 -0.79 -13.17
CA CYS A 42 -8.06 -0.94 -12.48
C CYS A 42 -8.29 -1.04 -10.97
N PRO A 43 -8.84 -2.17 -10.49
CA PRO A 43 -9.12 -2.41 -9.08
C PRO A 43 -7.88 -2.49 -8.19
N ASP A 44 -6.65 -2.33 -8.71
CA ASP A 44 -5.39 -2.38 -7.95
C ASP A 44 -5.21 -1.09 -7.14
N THR A 45 -6.26 -0.65 -6.47
CA THR A 45 -6.31 0.53 -5.65
C THR A 45 -6.00 0.20 -4.20
N GLN A 46 -5.59 -1.03 -3.87
CA GLN A 46 -5.25 -1.46 -2.52
C GLN A 46 -3.94 -2.26 -2.61
N ASP A 47 -3.03 -2.03 -1.66
CA ASP A 47 -1.72 -2.71 -1.61
C ASP A 47 -1.35 -3.08 -0.18
N PHE A 48 -0.39 -4.01 -0.05
CA PHE A 48 0.10 -4.54 1.21
C PHE A 48 1.61 -4.79 1.17
N GLN A 49 2.40 -4.12 2.03
CA GLN A 49 3.85 -4.29 2.14
C GLN A 49 4.17 -4.67 3.60
N PRO A 50 5.22 -5.45 3.88
CA PRO A 50 5.59 -5.83 5.24
C PRO A 50 6.05 -4.62 6.05
N CYS A 51 6.01 -4.75 7.38
CA CYS A 51 6.40 -3.76 8.37
C CYS A 51 6.63 -4.47 9.70
N MET A 52 6.91 -3.69 10.75
CA MET A 52 7.12 -4.05 12.12
C MET A 52 6.43 -2.95 12.91
N GLY A 53 5.82 -3.29 14.04
CA GLY A 53 5.12 -2.35 14.89
C GLY A 53 6.00 -1.21 15.40
N PRO A 54 5.38 -0.17 16.00
CA PRO A 54 6.12 0.98 16.51
C PRO A 54 7.11 0.56 17.60
N GLY A 55 8.21 1.31 17.69
CA GLY A 55 9.29 1.05 18.63
C GLY A 55 10.15 -0.07 18.07
N CYS A 56 10.36 -0.09 16.76
CA CYS A 56 11.15 -1.06 16.02
C CYS A 56 11.86 -0.27 14.92
N SER A 57 12.93 -0.83 14.37
CA SER A 57 13.73 -0.13 13.33
C SER A 57 14.25 1.20 13.93
N ASP A 58 14.34 1.20 15.26
CA ASP A 58 14.74 2.20 16.22
C ASP A 58 16.26 2.35 16.31
N GLU A 59 16.98 1.59 15.46
CA GLU A 59 18.44 1.54 15.37
C GLU A 59 19.08 2.92 15.20
N ASP A 60 20.37 3.04 15.52
CA ASP A 60 21.17 4.28 15.42
C ASP A 60 20.52 5.48 16.15
N GLY A 61 19.68 5.20 17.14
CA GLY A 61 18.99 6.19 17.95
C GLY A 61 19.42 6.05 19.38
N GLY A 1 1.90 -4.73 -15.16
CA GLY A 1 2.10 -3.27 -15.20
C GLY A 1 0.79 -2.55 -14.96
N SER A 2 0.78 -1.24 -15.16
CA SER A 2 -0.40 -0.39 -14.99
C SER A 2 -0.47 0.66 -16.10
N GLU A 3 0.18 0.40 -17.23
CA GLU A 3 0.26 1.28 -18.39
C GLU A 3 -1.10 1.82 -18.84
N THR A 4 -2.15 1.00 -18.80
CA THR A 4 -3.50 1.36 -19.20
C THR A 4 -4.36 1.89 -18.04
N CYS A 5 -3.73 2.37 -16.96
CA CYS A 5 -4.38 2.90 -15.75
C CYS A 5 -3.58 4.08 -15.21
N ILE A 6 -4.25 5.08 -14.64
CA ILE A 6 -3.61 6.26 -14.06
C ILE A 6 -4.31 6.48 -12.73
N TYR A 7 -3.62 6.08 -11.66
CA TYR A 7 -4.13 6.20 -10.31
C TYR A 7 -3.56 7.43 -9.61
N SER A 8 -4.16 7.78 -8.49
CA SER A 8 -3.73 8.88 -7.65
C SER A 8 -2.54 8.37 -6.83
N ASN A 9 -1.98 9.24 -5.98
CA ASN A 9 -0.87 8.93 -5.11
C ASN A 9 -1.30 7.89 -4.08
N TRP A 10 -0.35 7.20 -3.46
CA TRP A 10 -0.67 6.22 -2.45
C TRP A 10 -0.98 6.90 -1.12
N SER A 11 -2.04 6.45 -0.45
CA SER A 11 -2.36 7.02 0.85
C SER A 11 -1.26 6.52 1.82
N PRO A 12 -1.02 7.18 2.95
CA PRO A 12 0.00 6.74 3.88
C PRO A 12 -0.37 5.37 4.47
N TRP A 13 0.65 4.58 4.82
CA TRP A 13 0.45 3.27 5.40
C TRP A 13 -0.28 3.42 6.73
N SER A 14 -1.31 2.61 6.95
CA SER A 14 -2.08 2.65 8.18
C SER A 14 -1.31 1.93 9.30
N ALA A 15 -1.99 1.82 10.44
CA ALA A 15 -1.53 1.16 11.65
C ALA A 15 -1.06 -0.23 11.27
N CYS A 16 0.19 -0.57 11.61
CA CYS A 16 0.73 -1.87 11.28
C CYS A 16 -0.05 -2.99 11.96
N SER A 17 -0.21 -4.05 11.20
CA SER A 17 -0.89 -5.28 11.54
C SER A 17 -0.24 -5.95 12.76
N SER A 18 1.08 -5.80 12.95
CA SER A 18 1.74 -6.38 14.14
C SER A 18 2.16 -5.20 14.98
N SER A 19 1.45 -4.98 16.07
CA SER A 19 1.73 -3.89 17.01
C SER A 19 2.94 -4.25 17.91
N THR A 20 3.60 -5.38 17.62
CA THR A 20 4.73 -5.97 18.30
C THR A 20 5.94 -6.09 17.37
N CYS A 21 7.14 -6.30 17.92
CA CYS A 21 8.38 -6.44 17.15
C CYS A 21 8.48 -7.70 16.27
N GLU A 22 7.38 -8.41 16.03
CA GLU A 22 7.37 -9.57 15.14
C GLU A 22 7.26 -8.98 13.73
N LYS A 23 7.33 -9.82 12.70
CA LYS A 23 7.19 -9.32 11.33
C LYS A 23 5.70 -9.27 11.08
N GLY A 24 5.24 -8.08 10.75
CA GLY A 24 3.87 -7.77 10.47
C GLY A 24 3.72 -7.21 9.07
N LYS A 25 2.56 -6.63 8.79
CA LYS A 25 2.22 -6.02 7.52
C LYS A 25 1.56 -4.66 7.74
N ARG A 26 1.32 -3.93 6.66
CA ARG A 26 0.66 -2.63 6.58
C ARG A 26 -0.45 -2.71 5.54
N MET A 27 -1.33 -1.70 5.46
CA MET A 27 -2.41 -1.65 4.48
C MET A 27 -2.54 -0.23 3.91
N ARG A 28 -2.77 -0.09 2.60
CA ARG A 28 -2.95 1.21 1.96
C ARG A 28 -3.77 1.02 0.70
N GLN A 29 -4.42 2.10 0.28
CA GLN A 29 -5.23 2.14 -0.92
C GLN A 29 -5.05 3.52 -1.56
N ARG A 30 -5.44 3.63 -2.81
CA ARG A 30 -5.42 4.84 -3.63
C ARG A 30 -6.72 4.83 -4.44
N MET A 31 -6.87 5.72 -5.41
CA MET A 31 -8.08 5.78 -6.22
C MET A 31 -7.69 5.97 -7.68
N LEU A 32 -8.50 5.44 -8.59
CA LEU A 32 -8.30 5.51 -10.03
C LEU A 32 -8.72 6.88 -10.53
N LYS A 33 -7.77 7.65 -11.05
CA LYS A 33 -8.04 8.98 -11.60
C LYS A 33 -8.59 8.80 -13.01
N ALA A 34 -7.84 8.14 -13.90
CA ALA A 34 -8.23 7.87 -15.27
C ALA A 34 -7.76 6.49 -15.69
N GLN A 35 -8.33 5.93 -16.76
CA GLN A 35 -7.97 4.62 -17.29
C GLN A 35 -7.90 4.77 -18.80
N LEU A 36 -6.90 4.13 -19.41
CA LEU A 36 -6.68 4.17 -20.85
C LEU A 36 -7.59 3.17 -21.57
N ASP A 37 -8.26 2.30 -20.81
CA ASP A 37 -9.18 1.29 -21.28
C ASP A 37 -10.36 1.33 -20.33
N LEU A 38 -11.50 1.81 -20.79
CA LEU A 38 -12.72 1.89 -19.98
C LEU A 38 -13.33 0.50 -19.80
N SER A 39 -13.13 -0.39 -20.78
CA SER A 39 -13.65 -1.76 -20.77
C SER A 39 -12.90 -2.69 -19.82
N VAL A 40 -11.81 -2.25 -19.21
CA VAL A 40 -11.04 -3.07 -18.29
C VAL A 40 -10.72 -2.18 -17.10
N PRO A 41 -11.25 -2.48 -15.91
CA PRO A 41 -11.00 -1.67 -14.74
C PRO A 41 -9.56 -1.76 -14.28
N CYS A 42 -9.28 -0.93 -13.30
CA CYS A 42 -7.99 -0.78 -12.67
C CYS A 42 -8.12 -1.13 -11.17
N PRO A 43 -8.23 -2.43 -10.83
CA PRO A 43 -8.37 -2.93 -9.46
C PRO A 43 -7.12 -2.84 -8.58
N ASP A 44 -5.95 -2.42 -9.08
CA ASP A 44 -4.72 -2.34 -8.27
C ASP A 44 -4.69 -1.19 -7.27
N THR A 45 -5.82 -0.59 -6.92
CA THR A 45 -5.95 0.54 -5.99
C THR A 45 -5.66 0.18 -4.53
N GLN A 46 -5.09 -0.98 -4.24
CA GLN A 46 -4.75 -1.45 -2.92
C GLN A 46 -3.37 -2.09 -2.90
N ASP A 47 -2.73 -2.05 -1.75
CA ASP A 47 -1.40 -2.62 -1.53
C ASP A 47 -1.12 -2.93 -0.07
N PHE A 48 -0.19 -3.85 0.20
CA PHE A 48 0.23 -4.30 1.52
C PHE A 48 1.74 -4.59 1.48
N GLN A 49 2.48 -4.20 2.52
CA GLN A 49 3.93 -4.42 2.61
C GLN A 49 4.29 -4.82 4.05
N PRO A 50 5.50 -5.37 4.27
CA PRO A 50 5.94 -5.78 5.58
C PRO A 50 6.21 -4.59 6.51
N CYS A 51 6.01 -4.82 7.80
CA CYS A 51 6.22 -3.86 8.88
C CYS A 51 6.70 -4.61 10.12
N MET A 52 7.00 -3.86 11.16
CA MET A 52 7.45 -4.30 12.46
C MET A 52 6.77 -3.36 13.46
N GLY A 53 6.64 -3.77 14.71
CA GLY A 53 6.01 -2.97 15.79
C GLY A 53 6.60 -1.56 15.98
N PRO A 54 6.00 -0.73 16.84
CA PRO A 54 6.47 0.63 17.09
C PRO A 54 7.88 0.61 17.64
N GLY A 55 8.76 1.40 17.03
CA GLY A 55 10.16 1.53 17.40
C GLY A 55 11.00 0.33 16.92
N CYS A 56 10.39 -0.80 16.58
CA CYS A 56 11.12 -1.96 16.12
C CYS A 56 11.51 -1.72 14.65
N SER A 57 12.71 -2.08 14.23
CA SER A 57 13.14 -1.91 12.84
C SER A 57 14.21 -2.95 12.52
N ASP A 58 14.38 -3.24 11.23
CA ASP A 58 15.31 -4.22 10.66
C ASP A 58 16.79 -3.85 10.70
N GLU A 59 17.21 -3.13 11.74
CA GLU A 59 18.59 -2.73 11.97
C GLU A 59 19.42 -4.01 12.06
N ASP A 60 18.91 -4.97 12.84
CA ASP A 60 19.43 -6.29 13.18
C ASP A 60 20.73 -6.27 13.98
N GLY A 61 21.53 -5.21 13.84
CA GLY A 61 22.78 -5.01 14.53
C GLY A 61 22.48 -4.83 16.00
N GLY A 1 3.59 -0.42 -12.81
CA GLY A 1 2.89 -0.37 -14.09
C GLY A 1 1.72 0.59 -14.00
N SER A 2 1.68 1.54 -14.92
CA SER A 2 0.64 2.57 -15.04
C SER A 2 0.44 2.83 -16.54
N GLU A 3 0.68 1.81 -17.35
CA GLU A 3 0.60 1.85 -18.79
C GLU A 3 -0.81 1.98 -19.36
N THR A 4 -1.80 1.34 -18.73
CA THR A 4 -3.19 1.37 -19.16
C THR A 4 -4.07 2.01 -18.09
N CYS A 5 -3.48 2.43 -16.96
CA CYS A 5 -4.17 3.04 -15.83
C CYS A 5 -3.32 4.07 -15.13
N ILE A 6 -3.96 5.14 -14.64
CA ILE A 6 -3.35 6.26 -13.93
C ILE A 6 -4.12 6.40 -12.63
N TYR A 7 -3.43 6.10 -11.54
CA TYR A 7 -3.96 6.16 -10.19
C TYR A 7 -3.40 7.39 -9.47
N SER A 8 -3.93 7.72 -8.30
CA SER A 8 -3.40 8.86 -7.55
C SER A 8 -2.18 8.35 -6.76
N ASN A 9 -1.48 9.23 -6.04
CA ASN A 9 -0.34 8.78 -5.24
C ASN A 9 -0.90 7.85 -4.17
N TRP A 10 -0.17 6.80 -3.81
CA TRP A 10 -0.63 5.88 -2.78
C TRP A 10 -0.98 6.65 -1.51
N SER A 11 -2.11 6.30 -0.91
CA SER A 11 -2.61 6.89 0.33
C SER A 11 -1.66 6.51 1.48
N PRO A 12 -1.74 7.19 2.62
CA PRO A 12 -0.89 6.88 3.75
C PRO A 12 -1.24 5.50 4.30
N TRP A 13 -0.29 4.90 5.01
CA TRP A 13 -0.46 3.60 5.63
C TRP A 13 -1.23 3.83 6.93
N SER A 14 -2.16 2.95 7.25
CA SER A 14 -2.95 3.07 8.48
C SER A 14 -2.02 2.91 9.70
N ALA A 15 -1.74 1.67 10.08
CA ALA A 15 -0.86 1.28 11.18
C ALA A 15 -0.48 -0.16 10.93
N CYS A 16 0.74 -0.53 11.31
CA CYS A 16 1.28 -1.86 11.13
C CYS A 16 0.44 -2.87 11.88
N SER A 17 0.01 -3.90 11.15
CA SER A 17 -0.80 -5.01 11.61
C SER A 17 -0.17 -5.67 12.84
N SER A 18 1.17 -5.78 12.88
CA SER A 18 1.84 -6.36 14.04
C SER A 18 2.09 -5.24 15.04
N SER A 19 1.56 -5.38 16.25
CA SER A 19 1.78 -4.42 17.32
C SER A 19 3.07 -4.81 18.06
N THR A 20 3.74 -5.88 17.62
CA THR A 20 4.96 -6.44 18.18
C THR A 20 6.07 -6.48 17.14
N CYS A 21 7.31 -6.72 17.58
CA CYS A 21 8.48 -6.80 16.71
C CYS A 21 8.36 -7.84 15.59
N GLU A 22 7.43 -8.79 15.73
CA GLU A 22 7.14 -9.84 14.76
C GLU A 22 6.80 -9.17 13.43
N LYS A 23 7.25 -9.76 12.32
CA LYS A 23 7.00 -9.22 11.00
C LYS A 23 5.51 -9.19 10.72
N GLY A 24 5.09 -7.99 10.35
CA GLY A 24 3.73 -7.63 10.04
C GLY A 24 3.70 -7.00 8.66
N LYS A 25 2.67 -6.20 8.43
CA LYS A 25 2.42 -5.48 7.18
C LYS A 25 1.52 -4.31 7.49
N ARG A 26 1.32 -3.42 6.53
CA ARG A 26 0.50 -2.22 6.65
C ARG A 26 -0.59 -2.25 5.57
N MET A 27 -1.59 -1.37 5.63
CA MET A 27 -2.66 -1.33 4.64
C MET A 27 -2.84 0.10 4.12
N ARG A 28 -2.89 0.27 2.80
CA ARG A 28 -3.09 1.55 2.12
C ARG A 28 -3.95 1.27 0.89
N GLN A 29 -4.85 2.18 0.52
CA GLN A 29 -5.70 2.02 -0.64
C GLN A 29 -5.96 3.38 -1.27
N ARG A 30 -5.59 3.51 -2.55
CA ARG A 30 -5.73 4.72 -3.35
C ARG A 30 -6.94 4.60 -4.27
N MET A 31 -7.07 5.53 -5.20
CA MET A 31 -8.16 5.59 -6.17
C MET A 31 -7.58 5.67 -7.58
N LEU A 32 -8.29 5.09 -8.55
CA LEU A 32 -7.93 5.07 -9.96
C LEU A 32 -8.43 6.42 -10.48
N LYS A 33 -7.53 7.31 -10.89
CA LYS A 33 -7.89 8.63 -11.39
C LYS A 33 -8.37 8.58 -12.84
N ALA A 34 -7.71 7.80 -13.69
CA ALA A 34 -8.03 7.65 -15.10
C ALA A 34 -7.49 6.32 -15.63
N GLN A 35 -7.89 5.92 -16.84
CA GLN A 35 -7.44 4.68 -17.48
C GLN A 35 -7.53 4.83 -19.00
N LEU A 36 -6.88 3.92 -19.73
CA LEU A 36 -6.89 3.91 -21.19
C LEU A 36 -8.05 3.08 -21.69
N ASP A 37 -8.26 1.90 -21.08
CA ASP A 37 -9.32 0.99 -21.47
C ASP A 37 -10.43 1.12 -20.45
N LEU A 38 -11.45 1.92 -20.77
CA LEU A 38 -12.57 2.15 -19.88
C LEU A 38 -13.37 0.87 -19.59
N SER A 39 -13.16 -0.21 -20.35
CA SER A 39 -13.86 -1.47 -20.14
C SER A 39 -13.11 -2.42 -19.23
N VAL A 40 -11.82 -2.21 -19.08
CA VAL A 40 -10.89 -3.00 -18.28
C VAL A 40 -10.26 -2.10 -17.20
N PRO A 41 -10.95 -1.90 -16.07
CA PRO A 41 -10.46 -1.08 -14.98
C PRO A 41 -9.35 -1.77 -14.22
N CYS A 42 -8.68 -0.98 -13.38
CA CYS A 42 -7.58 -1.44 -12.56
C CYS A 42 -7.87 -1.40 -11.06
N PRO A 43 -8.48 -2.45 -10.47
CA PRO A 43 -8.77 -2.57 -9.05
C PRO A 43 -7.49 -2.66 -8.18
N ASP A 44 -6.31 -2.51 -8.78
CA ASP A 44 -4.96 -2.50 -8.25
C ASP A 44 -4.89 -1.16 -7.55
N THR A 45 -5.63 -1.00 -6.47
CA THR A 45 -5.72 0.19 -5.67
C THR A 45 -5.50 -0.14 -4.20
N GLN A 46 -5.14 -1.39 -3.88
CA GLN A 46 -4.87 -1.83 -2.50
C GLN A 46 -3.49 -2.49 -2.46
N ASP A 47 -2.66 -2.17 -1.48
CA ASP A 47 -1.31 -2.75 -1.32
C ASP A 47 -1.00 -3.00 0.15
N PHE A 48 -0.04 -3.88 0.44
CA PHE A 48 0.37 -4.27 1.79
C PHE A 48 1.89 -4.51 1.87
N GLN A 49 2.67 -3.51 2.32
CA GLN A 49 4.12 -3.67 2.46
C GLN A 49 4.38 -4.29 3.82
N PRO A 50 5.51 -4.99 4.01
CA PRO A 50 5.84 -5.59 5.29
C PRO A 50 6.23 -4.50 6.28
N CYS A 51 5.98 -4.76 7.56
CA CYS A 51 6.31 -3.87 8.65
C CYS A 51 6.75 -4.69 9.86
N MET A 52 7.02 -4.02 10.97
CA MET A 52 7.45 -4.52 12.27
C MET A 52 6.67 -3.69 13.30
N GLY A 53 6.75 -4.06 14.58
CA GLY A 53 6.06 -3.31 15.63
C GLY A 53 6.83 -2.03 15.96
N PRO A 54 6.22 -1.10 16.70
CA PRO A 54 6.87 0.14 17.08
C PRO A 54 7.98 -0.15 18.08
N GLY A 55 9.17 0.40 17.83
CA GLY A 55 10.31 0.18 18.71
C GLY A 55 10.77 -1.27 18.59
N CYS A 56 11.02 -1.71 17.36
CA CYS A 56 11.49 -3.05 17.02
C CYS A 56 12.92 -2.99 16.50
N SER A 57 13.12 -2.59 15.25
CA SER A 57 14.45 -2.50 14.63
C SER A 57 15.25 -3.80 14.82
N ASP A 58 14.65 -4.95 14.51
CA ASP A 58 15.19 -6.30 14.60
C ASP A 58 16.31 -6.63 13.59
N GLU A 59 16.90 -5.62 12.96
CA GLU A 59 17.95 -5.82 11.98
C GLU A 59 19.15 -6.58 12.55
N ASP A 60 19.80 -7.38 11.71
CA ASP A 60 20.99 -8.17 12.02
C ASP A 60 22.23 -7.30 12.13
N GLY A 61 22.17 -6.02 11.73
CA GLY A 61 23.28 -5.09 11.80
C GLY A 61 22.75 -3.68 11.90
N GLY A 1 3.24 -0.64 -13.68
CA GLY A 1 1.90 -1.21 -13.43
C GLY A 1 1.12 -1.28 -14.72
N SER A 2 -0.21 -1.34 -14.65
CA SER A 2 -1.06 -1.40 -15.84
C SER A 2 -0.87 -0.09 -16.59
N GLU A 3 -0.50 -0.16 -17.86
CA GLU A 3 -0.30 1.02 -18.71
C GLU A 3 -1.63 1.70 -19.03
N THR A 4 -2.72 0.94 -19.00
CA THR A 4 -4.09 1.34 -19.24
C THR A 4 -4.68 2.06 -18.02
N CYS A 5 -3.90 2.31 -16.97
CA CYS A 5 -4.36 2.95 -15.73
C CYS A 5 -3.44 4.08 -15.27
N ILE A 6 -4.03 5.06 -14.60
CA ILE A 6 -3.40 6.26 -14.03
C ILE A 6 -3.95 6.35 -12.61
N TYR A 7 -3.13 6.00 -11.63
CA TYR A 7 -3.48 6.01 -10.22
C TYR A 7 -2.84 7.23 -9.54
N SER A 8 -3.40 7.67 -8.42
CA SER A 8 -2.93 8.79 -7.62
C SER A 8 -1.72 8.33 -6.79
N ASN A 9 -1.07 9.28 -6.09
CA ASN A 9 0.07 8.96 -5.24
C ASN A 9 -0.44 8.03 -4.14
N TRP A 10 0.22 6.91 -3.90
CA TRP A 10 -0.16 5.95 -2.87
C TRP A 10 -0.39 6.64 -1.54
N SER A 11 -1.59 6.48 -0.98
CA SER A 11 -1.95 7.05 0.30
C SER A 11 -1.15 6.35 1.41
N PRO A 12 -1.16 6.91 2.63
CA PRO A 12 -0.43 6.35 3.76
C PRO A 12 -0.93 4.95 4.14
N TRP A 13 -0.07 4.23 4.84
CA TRP A 13 -0.33 2.88 5.30
C TRP A 13 -1.17 2.91 6.57
N SER A 14 -2.00 1.87 6.75
CA SER A 14 -2.80 1.73 7.94
C SER A 14 -1.95 1.05 9.01
N ALA A 15 -2.52 0.96 10.20
CA ALA A 15 -1.94 0.36 11.38
C ALA A 15 -1.35 -1.01 11.04
N CYS A 16 -0.04 -1.18 11.22
CA CYS A 16 0.65 -2.42 10.94
C CYS A 16 -0.04 -3.56 11.68
N SER A 17 -0.24 -4.68 10.98
CA SER A 17 -0.89 -5.86 11.53
C SER A 17 -0.18 -6.27 12.83
N SER A 18 1.15 -6.10 12.89
CA SER A 18 1.87 -6.41 14.12
C SER A 18 1.86 -5.14 14.93
N SER A 19 1.22 -5.18 16.08
CA SER A 19 1.07 -4.11 17.03
C SER A 19 2.16 -4.23 18.11
N THR A 20 3.26 -4.90 17.79
CA THR A 20 4.44 -5.16 18.59
C THR A 20 5.65 -5.10 17.64
N CYS A 21 6.86 -5.19 18.18
CA CYS A 21 8.11 -5.16 17.41
C CYS A 21 8.21 -6.32 16.41
N GLU A 22 7.37 -7.36 16.52
CA GLU A 22 7.40 -8.46 15.58
C GLU A 22 7.03 -7.91 14.20
N LYS A 23 7.55 -8.54 13.15
CA LYS A 23 7.26 -8.09 11.79
C LYS A 23 5.78 -8.28 11.50
N GLY A 24 5.22 -7.41 10.66
CA GLY A 24 3.84 -7.43 10.26
C GLY A 24 3.68 -6.83 8.89
N LYS A 25 2.43 -6.76 8.45
CA LYS A 25 2.05 -6.23 7.16
C LYS A 25 1.06 -5.08 7.32
N ARG A 26 1.18 -4.10 6.43
CA ARG A 26 0.34 -2.90 6.36
C ARG A 26 -0.57 -2.99 5.14
N MET A 27 -1.55 -2.09 5.06
CA MET A 27 -2.48 -2.04 3.94
C MET A 27 -2.63 -0.59 3.51
N ARG A 28 -2.55 -0.31 2.21
CA ARG A 28 -2.71 1.03 1.65
C ARG A 28 -3.67 0.90 0.48
N GLN A 29 -4.31 2.00 0.12
CA GLN A 29 -5.28 2.02 -0.97
C GLN A 29 -5.21 3.37 -1.65
N ARG A 30 -5.14 3.35 -2.98
CA ARG A 30 -5.11 4.55 -3.81
C ARG A 30 -6.43 4.61 -4.56
N MET A 31 -6.77 5.79 -5.06
CA MET A 31 -8.02 6.07 -5.76
C MET A 31 -7.76 6.25 -7.25
N LEU A 32 -8.06 5.27 -8.10
CA LEU A 32 -7.82 5.31 -9.56
C LEU A 32 -8.26 6.67 -10.12
N LYS A 33 -7.32 7.46 -10.64
CA LYS A 33 -7.57 8.79 -11.20
C LYS A 33 -8.24 8.71 -12.57
N ALA A 34 -7.61 8.03 -13.51
CA ALA A 34 -8.10 7.85 -14.87
C ALA A 34 -7.64 6.49 -15.40
N GLN A 35 -8.25 6.01 -16.48
CA GLN A 35 -7.94 4.76 -17.13
C GLN A 35 -8.10 5.01 -18.64
N LEU A 36 -7.37 4.27 -19.47
CA LEU A 36 -7.42 4.39 -20.91
C LEU A 36 -8.50 3.45 -21.44
N ASP A 37 -8.73 2.33 -20.75
CA ASP A 37 -9.71 1.32 -21.12
C ASP A 37 -10.86 1.49 -20.15
N LEU A 38 -11.85 2.32 -20.48
CA LEU A 38 -12.99 2.53 -19.58
C LEU A 38 -13.76 1.23 -19.33
N SER A 39 -13.68 0.26 -20.25
CA SER A 39 -14.35 -1.03 -20.12
C SER A 39 -13.60 -2.02 -19.23
N VAL A 40 -12.38 -1.70 -18.79
CA VAL A 40 -11.57 -2.58 -17.97
C VAL A 40 -11.09 -1.78 -16.76
N PRO A 41 -11.62 -2.03 -15.56
CA PRO A 41 -11.20 -1.30 -14.38
C PRO A 41 -9.75 -1.64 -14.01
N CYS A 42 -9.26 -0.92 -13.00
CA CYS A 42 -7.92 -1.06 -12.48
C CYS A 42 -7.97 -1.55 -11.03
N PRO A 43 -7.97 -2.87 -10.79
CA PRO A 43 -8.04 -3.46 -9.45
C PRO A 43 -6.80 -3.21 -8.58
N ASP A 44 -5.71 -2.65 -9.14
CA ASP A 44 -4.47 -2.39 -8.41
C ASP A 44 -4.58 -1.15 -7.50
N THR A 45 -5.74 -0.94 -6.90
CA THR A 45 -6.00 0.15 -5.98
C THR A 45 -5.46 -0.22 -4.61
N GLN A 46 -4.91 -1.42 -4.39
CA GLN A 46 -4.40 -1.87 -3.09
C GLN A 46 -3.00 -2.45 -3.19
N ASP A 47 -2.27 -2.41 -2.07
CA ASP A 47 -0.90 -2.95 -1.95
C ASP A 47 -0.65 -3.29 -0.47
N PHE A 48 0.23 -4.26 -0.19
CA PHE A 48 0.58 -4.73 1.16
C PHE A 48 2.09 -4.95 1.30
N GLN A 49 2.82 -4.09 2.03
CA GLN A 49 4.27 -4.18 2.28
C GLN A 49 4.50 -4.27 3.81
N PRO A 50 5.58 -4.96 4.24
CA PRO A 50 5.90 -5.16 5.65
C PRO A 50 6.20 -3.91 6.48
N CYS A 51 6.17 -4.11 7.81
CA CYS A 51 6.39 -3.14 8.88
C CYS A 51 6.82 -3.88 10.16
N MET A 52 7.10 -3.10 11.21
CA MET A 52 7.50 -3.45 12.57
C MET A 52 6.77 -2.44 13.46
N GLY A 53 6.38 -2.85 14.67
CA GLY A 53 5.67 -1.98 15.61
C GLY A 53 6.48 -0.75 16.03
N PRO A 54 5.85 0.18 16.77
CA PRO A 54 6.51 1.39 17.22
C PRO A 54 7.58 1.07 18.27
N GLY A 55 8.62 1.91 18.34
CA GLY A 55 9.73 1.77 19.28
C GLY A 55 10.45 0.44 19.16
N CYS A 56 10.50 -0.14 17.96
CA CYS A 56 11.15 -1.41 17.65
C CYS A 56 12.58 -1.13 17.18
N SER A 57 13.37 -2.17 16.92
CA SER A 57 14.77 -2.09 16.46
C SER A 57 15.65 -1.22 17.39
N ASP A 58 15.20 -1.13 18.64
CA ASP A 58 15.74 -0.42 19.79
C ASP A 58 17.08 -0.98 20.28
N GLU A 59 17.63 -1.99 19.60
CA GLU A 59 18.90 -2.63 19.91
C GLU A 59 19.98 -1.56 19.79
N ASP A 60 20.21 -1.08 18.57
CA ASP A 60 21.20 -0.07 18.28
C ASP A 60 20.86 0.62 16.97
N GLY A 61 20.14 1.74 17.05
CA GLY A 61 19.78 2.50 15.86
C GLY A 61 18.63 3.43 16.14
N GLY A 1 -0.16 -5.53 -15.14
CA GLY A 1 0.00 -4.49 -16.17
C GLY A 1 -0.87 -3.29 -15.85
N SER A 2 -0.24 -2.21 -15.40
CA SER A 2 -0.85 -0.95 -15.01
C SER A 2 -0.67 0.16 -16.05
N GLU A 3 -0.12 -0.15 -17.22
CA GLU A 3 0.12 0.81 -18.30
C GLU A 3 -1.14 1.51 -18.78
N THR A 4 -2.30 0.86 -18.73
CA THR A 4 -3.59 1.41 -19.15
C THR A 4 -4.27 2.11 -17.96
N CYS A 5 -3.59 2.29 -16.83
CA CYS A 5 -4.15 2.90 -15.63
C CYS A 5 -3.37 4.12 -15.18
N ILE A 6 -4.02 4.97 -14.38
CA ILE A 6 -3.52 6.20 -13.77
C ILE A 6 -4.18 6.12 -12.39
N TYR A 7 -3.43 6.19 -11.30
CA TYR A 7 -3.99 6.11 -9.95
C TYR A 7 -3.50 7.32 -9.16
N SER A 8 -4.19 7.66 -8.07
CA SER A 8 -3.84 8.79 -7.23
C SER A 8 -2.60 8.46 -6.39
N ASN A 9 -2.01 9.48 -5.76
CA ASN A 9 -0.82 9.33 -4.95
C ASN A 9 -1.08 8.38 -3.79
N TRP A 10 -0.28 7.32 -3.65
CA TRP A 10 -0.41 6.35 -2.58
C TRP A 10 -0.45 7.05 -1.22
N SER A 11 -1.53 6.83 -0.51
CA SER A 11 -1.84 7.33 0.80
C SER A 11 -0.82 6.70 1.78
N PRO A 12 -0.68 7.24 2.99
CA PRO A 12 0.24 6.68 3.96
C PRO A 12 -0.27 5.29 4.34
N TRP A 13 0.64 4.47 4.86
CA TRP A 13 0.29 3.13 5.27
C TRP A 13 -0.60 3.19 6.50
N SER A 14 -1.49 2.22 6.62
CA SER A 14 -2.41 2.05 7.71
C SER A 14 -1.63 1.61 8.94
N ALA A 15 -2.37 1.37 10.01
CA ALA A 15 -1.80 0.86 11.23
C ALA A 15 -1.23 -0.51 10.86
N CYS A 16 -0.07 -0.86 11.38
CA CYS A 16 0.54 -2.14 11.10
C CYS A 16 -0.19 -3.20 11.91
N SER A 17 -0.37 -4.35 11.28
CA SER A 17 -1.05 -5.48 11.91
C SER A 17 -0.23 -5.94 13.11
N SER A 18 1.10 -5.89 13.02
CA SER A 18 1.94 -6.30 14.15
C SER A 18 2.12 -5.06 14.99
N SER A 19 1.48 -5.02 16.15
CA SER A 19 1.62 -3.91 17.06
C SER A 19 2.91 -4.09 17.89
N THR A 20 3.70 -5.14 17.59
CA THR A 20 4.96 -5.48 18.26
C THR A 20 6.05 -5.72 17.23
N CYS A 21 7.29 -5.91 17.69
CA CYS A 21 8.47 -6.13 16.87
C CYS A 21 8.42 -7.33 15.92
N GLU A 22 7.34 -8.14 15.94
CA GLU A 22 7.24 -9.24 15.00
C GLU A 22 7.05 -8.67 13.60
N LYS A 23 7.23 -9.47 12.55
CA LYS A 23 7.04 -9.00 11.19
C LYS A 23 5.56 -9.05 10.87
N GLY A 24 4.96 -7.89 10.66
CA GLY A 24 3.56 -7.74 10.32
C GLY A 24 3.47 -7.15 8.92
N LYS A 25 2.30 -6.61 8.58
CA LYS A 25 2.01 -5.98 7.31
C LYS A 25 1.10 -4.78 7.52
N ARG A 26 1.05 -3.92 6.52
CA ARG A 26 0.23 -2.70 6.41
C ARG A 26 -0.54 -2.73 5.10
N MET A 27 -1.50 -1.82 4.95
CA MET A 27 -2.32 -1.65 3.76
C MET A 27 -2.37 -0.17 3.41
N ARG A 28 -2.73 0.09 2.17
CA ARG A 28 -2.90 1.43 1.60
C ARG A 28 -3.87 1.28 0.43
N GLN A 29 -4.67 2.29 0.13
CA GLN A 29 -5.63 2.24 -0.98
C GLN A 29 -5.70 3.63 -1.60
N ARG A 30 -5.42 3.70 -2.90
CA ARG A 30 -5.43 4.91 -3.72
C ARG A 30 -6.68 4.85 -4.59
N MET A 31 -7.11 5.99 -5.10
CA MET A 31 -8.29 6.08 -5.95
C MET A 31 -7.81 6.06 -7.39
N LEU A 32 -8.50 5.33 -8.26
CA LEU A 32 -8.15 5.27 -9.67
C LEU A 32 -8.41 6.68 -10.24
N LYS A 33 -7.40 7.29 -10.85
CA LYS A 33 -7.47 8.64 -11.44
C LYS A 33 -8.17 8.61 -12.80
N ALA A 34 -7.66 7.82 -13.73
CA ALA A 34 -8.15 7.64 -15.08
C ALA A 34 -7.69 6.27 -15.58
N GLN A 35 -8.33 5.74 -16.60
CA GLN A 35 -8.01 4.46 -17.21
C GLN A 35 -8.08 4.67 -18.72
N LEU A 36 -7.09 4.15 -19.44
CA LEU A 36 -7.00 4.24 -20.88
C LEU A 36 -7.95 3.20 -21.47
N ASP A 37 -8.26 2.13 -20.73
CA ASP A 37 -9.15 1.04 -21.12
C ASP A 37 -10.40 1.09 -20.24
N LEU A 38 -11.39 1.90 -20.64
CA LEU A 38 -12.65 2.06 -19.92
C LEU A 38 -13.32 0.70 -19.68
N SER A 39 -13.25 -0.22 -20.64
CA SER A 39 -13.85 -1.53 -20.54
C SER A 39 -13.11 -2.47 -19.57
N VAL A 40 -12.04 -2.04 -18.90
CA VAL A 40 -11.28 -2.87 -17.99
C VAL A 40 -10.89 -2.06 -16.75
N PRO A 41 -11.43 -2.39 -15.56
CA PRO A 41 -11.06 -1.66 -14.37
C PRO A 41 -9.62 -2.01 -13.97
N CYS A 42 -9.04 -1.20 -13.08
CA CYS A 42 -7.69 -1.35 -12.58
C CYS A 42 -7.71 -1.54 -11.06
N PRO A 43 -7.88 -2.78 -10.58
CA PRO A 43 -7.94 -3.11 -9.15
C PRO A 43 -6.64 -2.91 -8.35
N ASP A 44 -5.51 -2.48 -8.94
CA ASP A 44 -4.24 -2.24 -8.23
C ASP A 44 -4.29 -0.94 -7.40
N THR A 45 -5.47 -0.63 -6.88
CA THR A 45 -5.79 0.50 -6.05
C THR A 45 -5.35 0.19 -4.62
N GLN A 46 -5.24 -1.08 -4.23
CA GLN A 46 -4.81 -1.51 -2.90
C GLN A 46 -3.44 -2.15 -3.02
N ASP A 47 -2.67 -2.11 -1.93
CA ASP A 47 -1.32 -2.68 -1.84
C ASP A 47 -1.06 -3.07 -0.39
N PHE A 48 -0.11 -3.98 -0.14
CA PHE A 48 0.23 -4.47 1.18
C PHE A 48 1.75 -4.55 1.23
N GLN A 49 2.38 -4.26 2.37
CA GLN A 49 3.84 -4.31 2.54
C GLN A 49 4.12 -4.72 3.98
N PRO A 50 5.29 -5.30 4.27
CA PRO A 50 5.63 -5.72 5.61
C PRO A 50 5.91 -4.52 6.50
N CYS A 51 5.82 -4.71 7.82
CA CYS A 51 6.06 -3.70 8.84
C CYS A 51 6.65 -4.37 10.09
N MET A 52 7.15 -3.52 11.00
CA MET A 52 7.74 -3.85 12.28
C MET A 52 7.04 -2.91 13.27
N GLY A 53 6.85 -3.37 14.51
CA GLY A 53 6.18 -2.61 15.56
C GLY A 53 6.82 -1.26 15.89
N PRO A 54 6.17 -0.46 16.75
CA PRO A 54 6.68 0.83 17.17
C PRO A 54 7.92 0.60 18.01
N GLY A 55 8.95 1.42 17.79
CA GLY A 55 10.22 1.31 18.51
C GLY A 55 11.02 0.09 18.07
N CYS A 56 10.71 -0.51 16.92
CA CYS A 56 11.41 -1.67 16.37
C CYS A 56 12.14 -1.38 15.06
N SER A 57 11.75 -0.31 14.38
CA SER A 57 12.32 0.13 13.11
C SER A 57 12.96 1.49 13.35
N ASP A 58 14.21 1.50 13.78
CA ASP A 58 14.94 2.75 14.05
C ASP A 58 15.45 3.39 12.77
N GLU A 59 15.47 2.63 11.69
CA GLU A 59 15.92 3.04 10.37
C GLU A 59 14.74 3.65 9.61
N ASP A 60 14.91 3.84 8.31
CA ASP A 60 13.92 4.35 7.35
C ASP A 60 12.91 3.24 6.96
N GLY A 61 12.94 2.10 7.65
CA GLY A 61 12.11 0.94 7.43
C GLY A 61 10.67 1.18 7.81
#